data_6JAF
#
_entry.id   6JAF
#
_cell.length_a   63.055
_cell.length_b   120.461
_cell.length_c   154.558
_cell.angle_alpha   90.00
_cell.angle_beta   90.00
_cell.angle_gamma   90.00
#
_symmetry.space_group_name_H-M   'P 21 21 21'
#
loop_
_entity.id
_entity.type
_entity.pdbx_description
1 polymer 'Glycerol kinase'
2 non-polymer 'PYROPHOSPHATE 2-'
3 non-polymer GLYCEROL
#
_entity_poly.entity_id   1
_entity_poly.type   'polypeptide(L)'
_entity_poly.pdbx_seq_one_letter_code
;GIDPFTMKYVGSIDQGTTSTRFIIFDERQRPVSVHQVPHTQHTPHPGWLEHDPMEIFRSACKCMSVAIAKLRQKDASFRK
IEAIGITNQRETTVAWDRVTKEPLCYAPVWNDLRTYDITKKVTAELGGGDSMFASKITGLPVSTYFAAFKMRWMLENVPA
VADACRRGTLCFGTIDTWLMYKLSGGKAFVTDVTNASRTFLMDLRTRKWSPELCEKLKIPMETLPEIRSNSELFGYVETD
ECGVAAALNERTPIMGSIGDQQSALFGNMCFEKGEAKNTYGTGCFLLMNVGEEARFSKHGLLSTVGFQVGRDGPCYYALE
GAIACAGATVEWMRRNMNLFSHITECEKLARSVPGTQGIVFVPAFSGLLAPYWDPSARGTIVGMTLKTTRAHVIRAALQA
IALQLNDVVGSMKRDAGLNLSSLRVDGGLSKNGLLMEIQASLLGVDILVPSMHETTALGAALCAGLAAGVWTSLEEVKAV
SRRENSWKTVSPSGSAMEREAMIAEWREALKRTKWAKL
;
_entity_poly.pdbx_strand_id   A,B
#
loop_
_chem_comp.id
_chem_comp.type
_chem_comp.name
_chem_comp.formula
GOL non-polymer GLYCEROL 'C3 H8 O3'
POP non-polymer 'PYROPHOSPHATE 2-' 'H2 O7 P2 -2'
#
# COMPACT_ATOMS: atom_id res chain seq x y z
N PHE A 5 -12.67 7.27 -60.76
CA PHE A 5 -12.87 8.63 -60.14
C PHE A 5 -12.26 8.66 -58.73
N THR A 6 -11.93 9.86 -58.24
CA THR A 6 -11.05 10.05 -57.07
C THR A 6 -11.74 10.02 -55.69
N MET A 7 -10.97 9.59 -54.69
CA MET A 7 -11.41 9.52 -53.30
C MET A 7 -11.56 10.91 -52.71
N LYS A 8 -12.65 11.10 -51.97
CA LYS A 8 -12.91 12.34 -51.22
C LYS A 8 -12.46 12.17 -49.77
N TYR A 9 -11.90 13.25 -49.21
CA TYR A 9 -11.28 13.25 -47.88
C TYR A 9 -11.90 14.25 -46.92
N VAL A 10 -11.87 13.94 -45.62
CA VAL A 10 -12.30 14.88 -44.58
C VAL A 10 -11.20 15.04 -43.55
N GLY A 11 -11.01 16.28 -43.08
CA GLY A 11 -9.96 16.62 -42.13
C GLY A 11 -10.50 16.74 -40.72
N SER A 12 -9.67 16.40 -39.74
CA SER A 12 -10.08 16.39 -38.33
C SER A 12 -8.96 16.87 -37.41
N ILE A 13 -9.23 17.96 -36.69
CA ILE A 13 -8.29 18.53 -35.71
C ILE A 13 -8.66 17.99 -34.33
N ASP A 14 -7.85 17.07 -33.83
CA ASP A 14 -8.03 16.52 -32.49
C ASP A 14 -7.14 17.30 -31.55
N GLN A 15 -7.69 18.36 -30.94
CA GLN A 15 -6.93 19.23 -30.02
C GLN A 15 -7.04 18.74 -28.58
N GLY A 16 -6.06 17.92 -28.17
CA GLY A 16 -6.10 17.21 -26.89
C GLY A 16 -5.49 18.02 -25.76
N THR A 17 -5.60 17.49 -24.55
CA THR A 17 -5.05 18.14 -23.36
C THR A 17 -3.57 18.44 -23.52
N THR A 18 -2.78 17.42 -23.90
CA THR A 18 -1.32 17.56 -24.02
C THR A 18 -0.74 17.58 -25.44
N SER A 19 -1.56 17.30 -26.45
CA SER A 19 -1.11 17.43 -27.85
C SER A 19 -2.27 17.64 -28.79
N THR A 20 -1.92 18.06 -30.00
CA THR A 20 -2.84 18.33 -31.07
C THR A 20 -2.49 17.41 -32.22
N ARG A 21 -3.49 16.89 -32.92
CA ARG A 21 -3.27 16.08 -34.10
C ARG A 21 -4.17 16.60 -35.20
N PHE A 22 -3.74 16.37 -36.45
CA PHE A 22 -4.62 16.47 -37.61
C PHE A 22 -4.69 15.12 -38.29
N ILE A 23 -5.92 14.67 -38.57
CA ILE A 23 -6.14 13.37 -39.20
C ILE A 23 -7.07 13.52 -40.40
N ILE A 24 -6.62 13.02 -41.54
CA ILE A 24 -7.38 13.05 -42.76
C ILE A 24 -8.02 11.69 -42.92
N PHE A 25 -9.34 11.65 -42.78
CA PHE A 25 -10.09 10.45 -43.04
C PHE A 25 -10.53 10.46 -44.49
N ASP A 26 -10.51 9.28 -45.14
CA ASP A 26 -11.11 9.08 -46.46
C ASP A 26 -12.60 8.70 -46.32
N GLU A 27 -13.28 8.45 -47.43
CA GLU A 27 -14.71 8.10 -47.39
C GLU A 27 -14.99 6.66 -46.90
N ARG A 28 -13.98 5.80 -46.90
CA ARG A 28 -14.04 4.50 -46.17
C ARG A 28 -13.96 4.64 -44.63
N GLN A 29 -13.85 5.86 -44.11
CA GLN A 29 -13.63 6.15 -42.69
C GLN A 29 -12.28 5.60 -42.17
N ARG A 30 -11.26 5.68 -43.04
CA ARG A 30 -9.90 5.22 -42.74
C ARG A 30 -9.01 6.44 -42.59
N PRO A 31 -8.27 6.52 -41.46
CA PRO A 31 -7.30 7.60 -41.34
C PRO A 31 -6.18 7.28 -42.31
N VAL A 32 -5.91 8.21 -43.23
CA VAL A 32 -4.91 7.99 -44.28
C VAL A 32 -3.66 8.85 -44.10
N SER A 33 -3.76 9.90 -43.28
CA SER A 33 -2.61 10.71 -42.91
C SER A 33 -2.82 11.32 -41.54
N VAL A 34 -1.71 11.45 -40.81
CA VAL A 34 -1.75 11.93 -39.45
C VAL A 34 -0.44 12.60 -39.09
N HIS A 35 -0.53 13.72 -38.41
CA HIS A 35 0.61 14.29 -37.72
C HIS A 35 0.19 14.73 -36.32
N GLN A 36 1.19 14.92 -35.47
CA GLN A 36 0.95 15.32 -34.09
C GLN A 36 1.98 16.33 -33.64
N VAL A 37 1.56 17.25 -32.78
CA VAL A 37 2.44 18.26 -32.20
C VAL A 37 2.04 18.44 -30.74
N PRO A 38 2.99 18.18 -29.80
CA PRO A 38 2.71 18.50 -28.40
C PRO A 38 2.76 20.00 -28.12
N HIS A 39 2.05 20.43 -27.08
CA HIS A 39 2.15 21.82 -26.58
C HIS A 39 2.43 21.70 -25.10
N THR A 40 2.81 22.82 -24.48
CA THR A 40 3.44 22.79 -23.15
C THR A 40 2.43 22.81 -22.02
N GLN A 41 2.73 22.01 -21.00
CA GLN A 41 1.88 21.89 -19.82
C GLN A 41 2.45 22.73 -18.69
N HIS A 42 2.05 23.99 -18.65
CA HIS A 42 2.51 24.95 -17.64
C HIS A 42 1.83 24.77 -16.28
N THR A 43 2.62 24.68 -15.22
CA THR A 43 2.12 24.51 -13.85
C THR A 43 2.75 25.53 -12.87
N PRO A 44 2.28 26.81 -12.89
CA PRO A 44 2.83 27.87 -12.01
C PRO A 44 2.84 27.54 -10.52
N HIS A 45 1.68 27.18 -9.98
CA HIS A 45 1.51 26.90 -8.54
C HIS A 45 0.80 25.55 -8.39
N PRO A 46 1.12 24.78 -7.32
CA PRO A 46 0.59 23.40 -7.24
C PRO A 46 -0.93 23.31 -7.38
N GLY A 47 -1.39 22.52 -8.34
CA GLY A 47 -2.82 22.44 -8.70
C GLY A 47 -3.25 23.26 -9.91
N TRP A 48 -2.39 24.16 -10.41
CA TRP A 48 -2.72 24.98 -11.57
C TRP A 48 -2.32 24.24 -12.84
N LEU A 49 -2.92 24.63 -13.98
CA LEU A 49 -2.52 24.13 -15.31
C LEU A 49 -2.96 25.10 -16.42
N GLU A 50 -2.03 25.38 -17.34
CA GLU A 50 -2.19 26.43 -18.35
C GLU A 50 -1.74 25.94 -19.72
N HIS A 51 -2.34 26.47 -20.78
CA HIS A 51 -1.81 26.36 -22.15
C HIS A 51 -1.65 27.73 -22.81
N ASP A 52 -0.59 27.88 -23.59
CA ASP A 52 -0.43 29.01 -24.50
C ASP A 52 -1.41 28.76 -25.64
N PRO A 53 -2.44 29.62 -25.80
CA PRO A 53 -3.34 29.54 -26.95
C PRO A 53 -2.68 29.64 -28.31
N MET A 54 -1.68 30.50 -28.46
CA MET A 54 -0.97 30.59 -29.75
C MET A 54 -0.15 29.32 -30.06
N GLU A 55 0.37 28.68 -29.01
CA GLU A 55 1.09 27.40 -29.16
C GLU A 55 0.17 26.36 -29.78
N ILE A 56 -1.05 26.25 -29.24
CA ILE A 56 -2.07 25.31 -29.73
C ILE A 56 -2.50 25.57 -31.17
N PHE A 57 -2.94 26.79 -31.46
CA PHE A 57 -3.32 27.18 -32.81
C PHE A 57 -2.23 26.85 -33.82
N ARG A 58 -0.98 27.14 -33.47
CA ARG A 58 0.18 26.81 -34.34
C ARG A 58 0.39 25.30 -34.48
N SER A 59 0.29 24.57 -33.37
CA SER A 59 0.33 23.12 -33.41
C SER A 59 -0.69 22.59 -34.42
N ALA A 60 -1.93 23.09 -34.30
CA ALA A 60 -3.00 22.67 -35.19
C ALA A 60 -2.65 22.91 -36.65
N CYS A 61 -2.14 24.11 -36.96
CA CYS A 61 -1.78 24.46 -38.34
C CYS A 61 -0.59 23.67 -38.87
N LYS A 62 0.43 23.45 -38.03
CA LYS A 62 1.56 22.54 -38.36
C LYS A 62 1.05 21.15 -38.71
N CYS A 63 0.19 20.62 -37.84
CA CYS A 63 -0.44 19.32 -38.03
C CYS A 63 -1.19 19.22 -39.36
N MET A 64 -1.91 20.28 -39.72
CA MET A 64 -2.66 20.29 -40.96
C MET A 64 -1.74 20.22 -42.16
N SER A 65 -0.73 21.08 -42.16
CA SER A 65 0.11 21.27 -43.33
C SER A 65 1.03 20.08 -43.56
N VAL A 66 1.57 19.52 -42.49
CA VAL A 66 2.45 18.34 -42.57
C VAL A 66 1.66 17.10 -43.01
N ALA A 67 0.48 16.88 -42.44
CA ALA A 67 -0.35 15.73 -42.80
C ALA A 67 -0.85 15.80 -44.24
N ILE A 68 -1.25 16.99 -44.68
CA ILE A 68 -1.63 17.23 -46.08
C ILE A 68 -0.49 16.91 -47.04
N ALA A 69 0.73 17.34 -46.71
CA ALA A 69 1.92 17.05 -47.51
C ALA A 69 2.12 15.54 -47.71
N LYS A 70 2.04 14.78 -46.63
CA LYS A 70 2.25 13.34 -46.70
C LYS A 70 1.18 12.60 -47.52
N LEU A 71 -0.05 13.10 -47.50
CA LEU A 71 -1.14 12.48 -48.27
C LEU A 71 -0.92 12.72 -49.77
N ARG A 72 -0.63 13.97 -50.16
CA ARG A 72 -0.21 14.31 -51.52
C ARG A 72 0.88 13.37 -52.05
N GLN A 73 1.81 12.96 -51.18
CA GLN A 73 2.87 12.02 -51.55
C GLN A 73 2.33 10.62 -51.90
N LYS A 74 1.49 10.06 -51.03
CA LYS A 74 0.95 8.70 -51.27
C LYS A 74 -0.32 8.67 -52.13
N ASP A 75 -0.80 9.84 -52.51
CA ASP A 75 -1.91 9.99 -53.46
C ASP A 75 -1.78 11.36 -54.13
N ALA A 76 -1.12 11.38 -55.29
CA ALA A 76 -0.87 12.63 -56.01
C ALA A 76 -2.12 13.24 -56.64
N SER A 77 -3.19 12.46 -56.79
CA SER A 77 -4.48 12.95 -57.30
C SER A 77 -5.19 13.89 -56.32
N PHE A 78 -5.22 13.51 -55.05
CA PHE A 78 -5.81 14.34 -53.98
C PHE A 78 -5.64 15.82 -54.30
N ARG A 79 -6.74 16.48 -54.63
CA ARG A 79 -6.76 17.89 -55.00
C ARG A 79 -7.14 18.76 -53.81
N LYS A 80 -8.16 18.36 -53.04
CA LYS A 80 -8.53 19.08 -51.81
C LYS A 80 -9.29 18.21 -50.83
N ILE A 81 -9.48 18.76 -49.63
CA ILE A 81 -10.26 18.10 -48.58
C ILE A 81 -11.66 18.67 -48.61
N GLU A 82 -12.66 17.79 -48.51
CA GLU A 82 -14.07 18.19 -48.55
C GLU A 82 -14.45 19.12 -47.39
N ALA A 83 -14.04 18.77 -46.18
CA ALA A 83 -14.32 19.61 -45.00
C ALA A 83 -13.40 19.29 -43.83
N ILE A 84 -13.48 20.13 -42.82
CA ILE A 84 -12.65 20.05 -41.64
C ILE A 84 -13.53 19.95 -40.39
N GLY A 85 -13.09 19.12 -39.45
CA GLY A 85 -13.80 18.87 -38.21
C GLY A 85 -12.90 19.25 -37.05
N ILE A 86 -13.49 19.85 -36.02
CA ILE A 86 -12.75 20.25 -34.84
C ILE A 86 -13.29 19.47 -33.66
N THR A 87 -12.39 18.89 -32.89
CA THR A 87 -12.75 18.36 -31.60
C THR A 87 -11.68 18.70 -30.57
N ASN A 88 -12.11 18.88 -29.33
CA ASN A 88 -11.28 19.54 -28.35
C ASN A 88 -11.53 19.12 -26.90
N GLN A 89 -10.45 19.13 -26.12
CA GLN A 89 -10.57 19.21 -24.66
C GLN A 89 -11.57 20.33 -24.33
N ARG A 90 -12.51 20.01 -23.47
CA ARG A 90 -13.68 20.86 -23.23
C ARG A 90 -13.38 21.73 -22.03
N GLU A 91 -14.14 22.82 -21.87
CA GLU A 91 -14.09 23.69 -20.70
C GLU A 91 -12.83 24.54 -20.56
N THR A 92 -11.70 24.10 -21.12
CA THR A 92 -10.49 24.91 -21.21
C THR A 92 -10.86 26.21 -21.94
N THR A 93 -10.61 27.35 -21.29
CA THR A 93 -11.09 28.64 -21.78
C THR A 93 -9.95 29.61 -22.12
N VAL A 94 -10.11 30.28 -23.24
CA VAL A 94 -9.17 31.28 -23.74
C VAL A 94 -9.86 32.65 -23.76
N ALA A 95 -9.10 33.69 -23.44
CA ALA A 95 -9.56 35.06 -23.55
C ALA A 95 -8.72 35.80 -24.60
N TRP A 96 -9.38 36.34 -25.63
CA TRP A 96 -8.68 37.06 -26.70
C TRP A 96 -9.38 38.34 -27.14
N ASP A 97 -8.56 39.30 -27.60
CA ASP A 97 -9.02 40.63 -28.01
C ASP A 97 -9.46 40.57 -29.45
N ARG A 98 -10.51 41.33 -29.77
CA ARG A 98 -11.19 41.25 -31.08
C ARG A 98 -10.53 42.06 -32.22
N VAL A 99 -9.63 42.99 -31.89
CA VAL A 99 -8.83 43.71 -32.92
C VAL A 99 -7.33 43.38 -32.92
N THR A 100 -6.76 43.06 -31.76
CA THR A 100 -5.39 42.48 -31.73
C THR A 100 -5.43 41.02 -32.21
N LYS A 101 -6.53 40.32 -31.92
CA LYS A 101 -6.79 38.95 -32.38
C LYS A 101 -5.87 37.92 -31.73
N GLU A 102 -5.51 38.17 -30.47
CA GLU A 102 -4.46 37.44 -29.76
C GLU A 102 -4.77 37.26 -28.28
N PRO A 103 -4.23 36.18 -27.65
CA PRO A 103 -4.62 35.87 -26.27
C PRO A 103 -4.19 36.93 -25.26
N LEU A 104 -5.12 37.30 -24.38
CA LEU A 104 -4.84 38.22 -23.29
C LEU A 104 -3.97 37.56 -22.22
N CYS A 105 -4.09 36.25 -22.06
CA CYS A 105 -3.22 35.48 -21.14
C CYS A 105 -3.29 33.98 -21.47
N TYR A 106 -2.55 33.18 -20.71
CA TYR A 106 -2.56 31.71 -20.86
C TYR A 106 -3.90 31.10 -20.43
N ALA A 107 -4.30 30.03 -21.11
CA ALA A 107 -5.63 29.44 -20.99
C ALA A 107 -5.66 28.40 -19.86
N PRO A 108 -6.45 28.64 -18.79
CA PRO A 108 -6.54 27.59 -17.76
C PRO A 108 -7.37 26.39 -18.23
N VAL A 109 -7.03 25.22 -17.71
CA VAL A 109 -7.36 23.96 -18.33
C VAL A 109 -8.40 23.24 -17.48
N TRP A 110 -9.27 22.45 -18.13
CA TRP A 110 -10.37 21.73 -17.45
C TRP A 110 -10.09 21.25 -16.03
N ASN A 111 -8.92 20.65 -15.79
CA ASN A 111 -8.54 20.16 -14.44
C ASN A 111 -7.64 21.09 -13.61
N ASP A 112 -7.64 22.39 -13.93
CA ASP A 112 -6.94 23.42 -13.16
C ASP A 112 -7.78 23.81 -11.92
N LEU A 113 -7.11 24.22 -10.83
CA LEU A 113 -7.76 24.53 -9.56
C LEU A 113 -7.48 25.95 -9.02
N ARG A 114 -7.24 26.90 -9.91
CA ARG A 114 -7.17 28.32 -9.51
C ARG A 114 -8.56 28.88 -9.20
N THR A 115 -9.60 28.29 -9.80
CA THR A 115 -10.98 28.71 -9.63
C THR A 115 -11.65 28.15 -8.37
N TYR A 116 -10.89 27.47 -7.51
CA TYR A 116 -11.42 26.90 -6.26
C TYR A 116 -12.13 27.95 -5.40
N ASP A 117 -11.39 28.97 -4.96
CA ASP A 117 -11.97 30.04 -4.12
C ASP A 117 -13.21 30.68 -4.73
N ILE A 118 -13.23 30.85 -6.06
CA ILE A 118 -14.45 31.32 -6.75
C ILE A 118 -15.57 30.28 -6.70
N THR A 119 -15.23 29.01 -6.88
CA THR A 119 -16.25 27.94 -6.83
C THR A 119 -17.06 28.00 -5.51
N LYS A 120 -16.38 28.31 -4.40
CA LYS A 120 -17.03 28.47 -3.10
C LYS A 120 -17.85 29.75 -3.05
N LYS A 121 -17.19 30.88 -3.30
CA LYS A 121 -17.84 32.20 -3.41
C LYS A 121 -19.16 32.17 -4.21
N VAL A 122 -19.15 31.46 -5.33
CA VAL A 122 -20.33 31.38 -6.21
C VAL A 122 -21.47 30.62 -5.52
N THR A 123 -21.23 29.36 -5.19
CA THR A 123 -22.28 28.45 -4.71
C THR A 123 -23.14 29.04 -3.59
N ALA A 124 -22.50 29.73 -2.65
CA ALA A 124 -23.19 30.39 -1.54
C ALA A 124 -24.02 31.58 -2.03
N GLU A 125 -23.34 32.59 -2.56
CA GLU A 125 -23.95 33.87 -2.95
C GLU A 125 -25.13 33.72 -3.92
N LEU A 126 -24.93 32.96 -4.99
CA LEU A 126 -25.96 32.77 -6.03
C LEU A 126 -26.93 31.62 -5.71
N GLY A 127 -26.42 30.40 -5.69
CA GLY A 127 -27.27 29.21 -5.58
C GLY A 127 -27.99 28.97 -4.26
N GLY A 128 -27.67 29.78 -3.24
CA GLY A 128 -28.16 29.54 -1.89
C GLY A 128 -27.47 28.31 -1.33
N GLY A 129 -26.19 28.16 -1.64
CA GLY A 129 -25.39 27.01 -1.23
C GLY A 129 -25.81 25.66 -1.80
N ASP A 130 -26.55 25.67 -2.92
CA ASP A 130 -27.01 24.45 -3.56
C ASP A 130 -26.04 24.16 -4.73
N SER A 131 -25.37 23.00 -4.67
CA SER A 131 -24.36 22.58 -5.67
C SER A 131 -24.99 22.39 -7.04
N MET A 132 -26.09 21.65 -7.07
CA MET A 132 -26.83 21.35 -8.30
C MET A 132 -28.01 22.33 -8.51
N PHE A 133 -27.88 23.60 -8.09
CA PHE A 133 -28.96 24.60 -8.24
C PHE A 133 -29.12 24.99 -9.71
N ALA A 134 -27.99 25.08 -10.41
CA ALA A 134 -27.98 25.37 -11.82
C ALA A 134 -28.35 24.15 -12.64
N SER A 135 -28.26 22.95 -12.05
CA SER A 135 -28.33 21.68 -12.79
C SER A 135 -29.62 21.40 -13.55
N LYS A 136 -30.76 21.96 -13.12
CA LYS A 136 -31.98 21.92 -13.95
C LYS A 136 -31.82 22.75 -15.22
N ILE A 137 -30.89 23.72 -15.21
CA ILE A 137 -30.68 24.66 -16.31
C ILE A 137 -29.47 24.22 -17.15
N THR A 138 -28.32 24.02 -16.51
CA THR A 138 -27.06 23.67 -17.19
C THR A 138 -26.88 22.18 -17.42
N GLY A 139 -27.19 21.39 -16.39
CA GLY A 139 -26.86 19.97 -16.31
C GLY A 139 -25.67 19.65 -15.41
N LEU A 140 -25.13 20.67 -14.72
CA LEU A 140 -23.84 20.56 -14.06
C LEU A 140 -23.89 21.04 -12.61
N PRO A 141 -23.07 20.43 -11.72
CA PRO A 141 -22.81 21.01 -10.42
C PRO A 141 -21.76 22.11 -10.54
N VAL A 142 -21.70 22.99 -9.54
CA VAL A 142 -20.64 23.99 -9.48
C VAL A 142 -19.38 23.21 -9.10
N SER A 143 -18.40 23.27 -9.98
CA SER A 143 -17.10 22.63 -9.77
C SER A 143 -16.03 23.56 -10.34
N THR A 144 -14.76 23.20 -10.15
CA THR A 144 -13.64 23.94 -10.77
C THR A 144 -13.57 23.73 -12.29
N TYR A 145 -14.13 22.63 -12.79
CA TYR A 145 -13.94 22.20 -14.18
C TYR A 145 -14.50 23.11 -15.27
N PHE A 146 -15.50 23.93 -14.96
CA PHE A 146 -16.32 24.55 -16.02
C PHE A 146 -15.91 25.98 -16.35
N ALA A 147 -16.15 26.38 -17.61
CA ALA A 147 -15.59 27.62 -18.17
C ALA A 147 -15.91 28.88 -17.38
N ALA A 148 -17.20 29.13 -17.15
CA ALA A 148 -17.67 30.30 -16.38
C ALA A 148 -16.73 30.71 -15.27
N PHE A 149 -16.32 29.75 -14.45
CA PHE A 149 -15.48 30.02 -13.29
C PHE A 149 -14.06 30.40 -13.70
N LYS A 150 -13.56 29.80 -14.79
CA LYS A 150 -12.28 30.23 -15.40
C LYS A 150 -12.44 31.62 -15.98
N MET A 151 -13.54 31.81 -16.73
CA MET A 151 -13.97 33.13 -17.23
C MET A 151 -14.04 34.22 -16.17
N ARG A 152 -14.58 33.90 -14.99
CA ARG A 152 -14.72 34.88 -13.91
C ARG A 152 -13.36 35.20 -13.34
N TRP A 153 -12.63 34.17 -12.91
CA TRP A 153 -11.26 34.31 -12.41
C TRP A 153 -10.40 35.22 -13.28
N MET A 154 -10.50 35.05 -14.60
CA MET A 154 -9.76 35.86 -15.57
C MET A 154 -10.18 37.35 -15.53
N LEU A 155 -11.48 37.60 -15.41
CA LEU A 155 -12.00 38.97 -15.21
C LEU A 155 -11.55 39.57 -13.86
N GLU A 156 -11.55 38.74 -12.81
CA GLU A 156 -11.14 39.17 -11.47
C GLU A 156 -9.61 39.30 -11.27
N ASN A 157 -8.80 38.59 -12.06
CA ASN A 157 -7.34 38.50 -11.78
C ASN A 157 -6.35 38.81 -12.92
N VAL A 158 -6.83 39.19 -14.10
CA VAL A 158 -5.93 39.46 -15.23
C VAL A 158 -6.16 40.87 -15.79
N PRO A 159 -5.24 41.82 -15.47
CA PRO A 159 -5.33 43.22 -15.88
C PRO A 159 -5.70 43.47 -17.35
N ALA A 160 -5.04 42.76 -18.26
CA ALA A 160 -5.33 42.89 -19.68
C ALA A 160 -6.75 42.42 -20.04
N VAL A 161 -7.25 41.42 -19.33
CA VAL A 161 -8.62 40.90 -19.52
C VAL A 161 -9.62 41.86 -18.89
N ALA A 162 -9.34 42.28 -17.66
CA ALA A 162 -10.11 43.32 -16.96
C ALA A 162 -10.30 44.56 -17.86
N ASP A 163 -9.20 45.08 -18.42
CA ASP A 163 -9.28 46.24 -19.33
C ASP A 163 -10.05 45.92 -20.60
N ALA A 164 -9.66 44.83 -21.27
CA ALA A 164 -10.30 44.38 -22.53
C ALA A 164 -11.83 44.32 -22.42
N CYS A 165 -12.33 43.94 -21.25
CA CYS A 165 -13.76 43.91 -20.94
C CYS A 165 -14.39 45.30 -21.11
N ARG A 166 -13.86 46.29 -20.38
CA ARG A 166 -14.41 47.66 -20.41
C ARG A 166 -14.29 48.29 -21.80
N ARG A 167 -13.14 48.11 -22.45
CA ARG A 167 -12.96 48.55 -23.84
C ARG A 167 -14.01 48.01 -24.81
N GLY A 168 -14.67 46.90 -24.44
CA GLY A 168 -15.67 46.26 -25.26
C GLY A 168 -14.99 45.48 -26.37
N THR A 169 -13.91 44.77 -26.01
CA THR A 169 -13.12 44.00 -26.98
C THR A 169 -12.70 42.60 -26.49
N LEU A 170 -13.49 42.01 -25.59
CA LEU A 170 -13.14 40.74 -24.96
C LEU A 170 -13.98 39.59 -25.50
N CYS A 171 -13.34 38.71 -26.26
CA CYS A 171 -13.95 37.45 -26.66
C CYS A 171 -13.53 36.36 -25.70
N PHE A 172 -14.49 35.54 -25.29
CA PHE A 172 -14.22 34.31 -24.55
C PHE A 172 -14.58 33.12 -25.44
N GLY A 173 -13.93 31.98 -25.18
CA GLY A 173 -14.18 30.79 -25.98
C GLY A 173 -13.54 29.53 -25.41
N THR A 174 -14.27 28.42 -25.50
CA THR A 174 -13.66 27.11 -25.34
C THR A 174 -12.81 26.84 -26.57
N ILE A 175 -11.92 25.86 -26.47
CA ILE A 175 -10.89 25.59 -27.49
C ILE A 175 -11.45 25.48 -28.92
N ASP A 176 -12.69 24.99 -29.06
CA ASP A 176 -13.37 24.94 -30.36
C ASP A 176 -13.53 26.32 -30.99
N THR A 177 -13.97 27.30 -30.19
CA THR A 177 -14.24 28.65 -30.69
C THR A 177 -12.92 29.33 -31.03
N TRP A 178 -11.95 29.22 -30.12
CA TRP A 178 -10.59 29.72 -30.33
C TRP A 178 -10.00 29.21 -31.64
N LEU A 179 -10.00 27.89 -31.85
CA LEU A 179 -9.56 27.31 -33.13
C LEU A 179 -10.31 27.99 -34.27
N MET A 180 -11.64 27.83 -34.25
CA MET A 180 -12.52 28.19 -35.35
C MET A 180 -12.40 29.68 -35.72
N TYR A 181 -12.10 30.52 -34.72
CA TYR A 181 -11.83 31.94 -34.92
C TYR A 181 -10.62 32.14 -35.82
N LYS A 182 -9.46 31.69 -35.35
CA LYS A 182 -8.18 31.95 -35.99
C LYS A 182 -8.11 31.31 -37.39
N LEU A 183 -8.59 30.08 -37.51
CA LEU A 183 -8.67 29.39 -38.81
C LEU A 183 -9.40 30.21 -39.88
N SER A 184 -10.46 30.89 -39.46
CA SER A 184 -11.21 31.81 -40.31
C SER A 184 -10.56 33.19 -40.35
N GLY A 185 -9.82 33.52 -39.29
CA GLY A 185 -9.00 34.72 -39.24
C GLY A 185 -9.87 35.90 -38.88
N GLY A 186 -10.40 35.89 -37.67
CA GLY A 186 -11.33 36.91 -37.22
C GLY A 186 -12.77 36.73 -37.68
N LYS A 187 -12.99 35.99 -38.76
CA LYS A 187 -14.29 35.99 -39.45
C LYS A 187 -15.37 35.13 -38.79
N ALA A 188 -15.02 34.28 -37.83
CA ALA A 188 -15.99 33.36 -37.19
C ALA A 188 -15.86 33.35 -35.67
N PHE A 189 -16.99 33.57 -34.97
CA PHE A 189 -17.03 33.52 -33.52
C PHE A 189 -18.22 32.67 -33.09
N VAL A 190 -17.98 31.37 -33.00
CA VAL A 190 -19.04 30.38 -32.78
C VAL A 190 -18.56 29.25 -31.88
N THR A 191 -19.46 28.74 -31.04
CA THR A 191 -19.26 27.49 -30.33
C THR A 191 -20.25 26.47 -30.91
N ASP A 192 -20.20 25.23 -30.40
CA ASP A 192 -21.19 24.20 -30.73
C ASP A 192 -21.88 23.73 -29.46
N VAL A 193 -22.98 23.00 -29.62
CA VAL A 193 -23.82 22.63 -28.47
C VAL A 193 -23.08 21.83 -27.37
N THR A 194 -22.17 20.95 -27.76
CA THR A 194 -21.47 20.09 -26.78
C THR A 194 -20.48 20.88 -25.93
N ASN A 195 -19.74 21.80 -26.55
CA ASN A 195 -18.80 22.66 -25.80
C ASN A 195 -19.53 23.66 -24.91
N ALA A 196 -20.55 24.29 -25.49
CA ALA A 196 -21.44 25.22 -24.79
C ALA A 196 -22.06 24.59 -23.54
N SER A 197 -22.43 23.31 -23.65
CA SER A 197 -22.90 22.49 -22.51
C SER A 197 -22.00 22.50 -21.28
N ARG A 198 -20.72 22.81 -21.45
CA ARG A 198 -19.73 22.74 -20.37
C ARG A 198 -19.28 24.11 -19.83
N THR A 199 -19.88 25.18 -20.36
CA THR A 199 -19.55 26.55 -19.94
C THR A 199 -20.12 26.91 -18.57
N PHE A 200 -21.20 26.23 -18.18
CA PHE A 200 -22.03 26.58 -17.03
C PHE A 200 -22.89 27.81 -17.33
N LEU A 201 -23.04 28.15 -18.61
CA LEU A 201 -23.81 29.31 -19.05
C LEU A 201 -24.83 28.98 -20.15
N MET A 202 -25.08 27.68 -20.38
CA MET A 202 -26.02 27.24 -21.39
C MET A 202 -27.22 26.59 -20.71
N ASP A 203 -28.42 26.90 -21.22
CA ASP A 203 -29.63 26.17 -20.84
C ASP A 203 -29.64 24.87 -21.64
N LEU A 204 -29.69 23.74 -20.92
CA LEU A 204 -29.42 22.41 -21.48
C LEU A 204 -30.48 22.00 -22.51
N ARG A 205 -31.75 22.08 -22.12
CA ARG A 205 -32.86 21.73 -23.02
C ARG A 205 -32.91 22.65 -24.23
N THR A 206 -32.94 23.96 -23.96
CA THR A 206 -33.16 24.95 -25.02
C THR A 206 -31.96 25.12 -25.97
N ARG A 207 -30.75 24.83 -25.47
CA ARG A 207 -29.50 24.91 -26.27
C ARG A 207 -29.17 26.33 -26.69
N LYS A 208 -29.49 27.28 -25.81
CA LYS A 208 -29.23 28.71 -26.02
C LYS A 208 -28.63 29.24 -24.73
N TRP A 209 -27.95 30.39 -24.81
CA TRP A 209 -27.33 31.00 -23.62
C TRP A 209 -28.40 31.35 -22.58
N SER A 210 -27.98 31.40 -21.32
CA SER A 210 -28.87 31.77 -20.20
C SER A 210 -28.59 33.22 -19.74
N PRO A 211 -29.34 34.21 -20.31
CA PRO A 211 -29.28 35.61 -19.83
C PRO A 211 -29.28 35.68 -18.32
N GLU A 212 -30.14 34.88 -17.70
CA GLU A 212 -30.19 34.75 -16.26
C GLU A 212 -28.78 34.43 -15.71
N LEU A 213 -28.19 33.31 -16.14
CA LEU A 213 -26.91 32.86 -15.57
C LEU A 213 -25.67 33.68 -15.97
N CYS A 214 -25.63 34.21 -17.20
CA CYS A 214 -24.58 35.15 -17.59
C CYS A 214 -24.62 36.38 -16.65
N GLU A 215 -25.79 37.00 -16.60
CA GLU A 215 -26.09 38.15 -15.72
C GLU A 215 -25.82 37.81 -14.24
N LYS A 216 -26.30 36.66 -13.80
CA LYS A 216 -26.10 36.20 -12.41
C LYS A 216 -24.61 36.03 -12.05
N LEU A 217 -23.80 35.57 -13.00
CA LEU A 217 -22.37 35.29 -12.77
C LEU A 217 -21.43 36.44 -13.19
N LYS A 218 -21.99 37.54 -13.70
CA LYS A 218 -21.23 38.71 -14.18
C LYS A 218 -20.32 38.34 -15.36
N ILE A 219 -20.97 37.94 -16.45
CA ILE A 219 -20.32 37.62 -17.71
C ILE A 219 -21.06 38.38 -18.84
N PRO A 220 -20.45 39.46 -19.37
CA PRO A 220 -21.14 40.17 -20.45
C PRO A 220 -21.51 39.26 -21.62
N MET A 221 -22.80 39.03 -21.82
CA MET A 221 -23.29 38.19 -22.92
C MET A 221 -22.78 38.64 -24.31
N GLU A 222 -22.25 39.87 -24.42
CA GLU A 222 -21.50 40.31 -25.60
C GLU A 222 -20.23 39.51 -25.85
N THR A 223 -19.53 39.08 -24.79
CA THR A 223 -18.30 38.29 -24.93
C THR A 223 -18.49 36.89 -25.54
N LEU A 224 -19.68 36.31 -25.38
CA LEU A 224 -19.91 34.90 -25.72
C LEU A 224 -20.13 34.70 -27.22
N PRO A 225 -19.78 33.51 -27.75
CA PRO A 225 -19.98 33.21 -29.17
C PRO A 225 -21.40 32.72 -29.55
N GLU A 226 -21.65 32.70 -30.86
CA GLU A 226 -22.92 32.22 -31.41
C GLU A 226 -23.00 30.69 -31.34
N ILE A 227 -23.92 30.16 -30.55
CA ILE A 227 -24.08 28.69 -30.43
C ILE A 227 -24.59 28.12 -31.75
N ARG A 228 -24.12 26.92 -32.09
CA ARG A 228 -24.58 26.19 -33.26
C ARG A 228 -24.61 24.70 -32.96
N SER A 229 -25.01 23.91 -33.95
CA SER A 229 -24.99 22.46 -33.82
C SER A 229 -23.56 21.96 -34.04
N ASN A 230 -23.40 20.64 -34.15
CA ASN A 230 -22.08 20.04 -34.39
C ASN A 230 -21.75 19.87 -35.86
N SER A 231 -22.75 19.95 -36.75
CA SER A 231 -22.60 19.53 -38.16
C SER A 231 -23.26 20.50 -39.13
N GLU A 232 -22.50 21.53 -39.51
CA GLU A 232 -22.97 22.61 -40.38
C GLU A 232 -21.80 23.57 -40.67
N LEU A 233 -21.89 24.35 -41.74
CA LEU A 233 -20.88 25.37 -42.07
C LEU A 233 -20.59 26.36 -40.92
N PHE A 234 -19.41 26.26 -40.31
CA PHE A 234 -18.98 27.19 -39.25
C PHE A 234 -18.15 28.35 -39.78
N GLY A 235 -17.39 28.10 -40.84
CA GLY A 235 -16.49 29.10 -41.40
C GLY A 235 -15.67 28.47 -42.51
N TYR A 236 -14.72 29.24 -43.05
CA TYR A 236 -13.78 28.73 -44.04
C TYR A 236 -12.39 28.82 -43.44
N VAL A 237 -11.43 28.11 -44.03
CA VAL A 237 -10.04 28.18 -43.57
C VAL A 237 -9.29 29.26 -44.36
N GLU A 238 -9.11 30.42 -43.73
CA GLU A 238 -8.53 31.61 -44.35
C GLU A 238 -7.29 32.12 -43.59
N THR A 239 -6.25 31.29 -43.52
CA THR A 239 -4.98 31.71 -42.93
C THR A 239 -3.82 30.96 -43.61
N ASP A 240 -2.62 31.49 -43.46
CA ASP A 240 -1.40 30.81 -43.92
C ASP A 240 -0.38 30.85 -42.80
N GLU A 241 -0.69 30.16 -41.70
CA GLU A 241 0.15 30.14 -40.51
C GLU A 241 1.35 29.18 -40.65
N CYS A 242 1.11 27.99 -41.22
CA CYS A 242 2.21 27.05 -41.54
C CYS A 242 1.99 26.46 -42.92
N GLY A 243 1.78 27.34 -43.90
CA GLY A 243 1.46 26.95 -45.27
C GLY A 243 0.07 26.34 -45.44
N VAL A 244 -0.83 26.59 -44.49
CA VAL A 244 -2.07 25.82 -44.38
C VAL A 244 -3.06 26.02 -45.55
N ALA A 245 -3.36 27.27 -45.91
CA ALA A 245 -4.29 27.54 -47.02
C ALA A 245 -3.69 27.09 -48.36
N ALA A 246 -2.41 27.40 -48.55
CA ALA A 246 -1.63 26.93 -49.71
C ALA A 246 -1.73 25.41 -49.83
N ALA A 247 -1.44 24.73 -48.72
CA ALA A 247 -1.52 23.26 -48.64
C ALA A 247 -2.92 22.73 -48.92
N LEU A 248 -3.93 23.43 -48.40
CA LEU A 248 -5.33 23.06 -48.63
C LEU A 248 -5.81 23.15 -50.07
N ASN A 249 -5.17 23.99 -50.89
CA ASN A 249 -5.50 24.21 -52.31
C ASN A 249 -6.71 25.13 -52.48
N GLU A 250 -7.85 24.73 -51.92
CA GLU A 250 -9.08 25.53 -51.89
C GLU A 250 -9.32 26.12 -50.50
N ARG A 251 -10.35 26.97 -50.40
CA ARG A 251 -10.84 27.42 -49.12
C ARG A 251 -11.77 26.32 -48.60
N THR A 252 -11.20 25.42 -47.83
CA THR A 252 -11.92 24.29 -47.26
C THR A 252 -12.83 24.80 -46.14
N PRO A 253 -14.09 24.29 -46.08
CA PRO A 253 -15.01 24.74 -45.04
C PRO A 253 -14.83 23.96 -43.74
N ILE A 254 -15.01 24.66 -42.62
CA ILE A 254 -15.08 24.03 -41.31
C ILE A 254 -16.55 23.69 -41.10
N MET A 255 -16.87 22.39 -41.20
CA MET A 255 -18.25 21.89 -41.12
C MET A 255 -18.48 20.90 -39.96
N GLY A 256 -17.61 20.93 -38.95
CA GLY A 256 -17.67 20.03 -37.81
C GLY A 256 -16.97 20.63 -36.61
N SER A 257 -17.66 20.67 -35.47
CA SER A 257 -17.07 21.12 -34.21
C SER A 257 -17.76 20.36 -33.10
N ILE A 258 -17.00 19.69 -32.24
CA ILE A 258 -17.61 18.87 -31.18
C ILE A 258 -16.67 18.52 -29.98
N GLY A 259 -17.19 18.64 -28.76
CA GLY A 259 -16.44 18.26 -27.55
C GLY A 259 -15.84 16.86 -27.66
N ASP A 260 -14.66 16.66 -27.09
CA ASP A 260 -13.88 15.46 -27.38
C ASP A 260 -14.47 14.17 -26.85
N GLN A 261 -15.19 14.23 -25.73
CA GLN A 261 -15.82 13.03 -25.17
C GLN A 261 -17.07 12.65 -25.95
N GLN A 262 -17.85 13.66 -26.31
CA GLN A 262 -18.98 13.49 -27.24
C GLN A 262 -18.52 13.02 -28.63
N SER A 263 -17.38 13.52 -29.08
CA SER A 263 -16.80 13.11 -30.37
C SER A 263 -16.41 11.62 -30.40
N ALA A 264 -16.05 11.07 -29.25
CA ALA A 264 -15.83 9.62 -29.12
C ALA A 264 -17.15 8.86 -29.13
N LEU A 265 -18.16 9.41 -28.47
CA LEU A 265 -19.52 8.85 -28.50
C LEU A 265 -20.03 8.77 -29.95
N PHE A 266 -19.93 9.89 -30.65
CA PHE A 266 -20.37 9.99 -32.02
C PHE A 266 -19.54 9.13 -32.98
N GLY A 267 -18.23 9.09 -32.75
CA GLY A 267 -17.31 8.30 -33.56
C GLY A 267 -17.38 6.81 -33.31
N ASN A 268 -17.94 6.42 -32.17
CA ASN A 268 -18.23 5.02 -31.85
C ASN A 268 -19.66 4.60 -32.22
N MET A 269 -20.33 5.42 -33.02
CA MET A 269 -21.66 5.13 -33.52
C MET A 269 -22.69 4.94 -32.40
N CYS A 270 -22.52 5.59 -31.25
CA CYS A 270 -23.47 5.47 -30.14
C CYS A 270 -24.64 6.43 -30.39
N PHE A 271 -25.39 6.16 -31.46
CA PHE A 271 -26.43 7.08 -31.94
C PHE A 271 -27.77 6.92 -31.22
N GLU A 272 -28.14 5.68 -30.87
CA GLU A 272 -29.42 5.40 -30.22
C GLU A 272 -29.30 5.27 -28.69
N LYS A 273 -30.36 5.68 -28.01
CA LYS A 273 -30.43 5.64 -26.54
C LYS A 273 -30.04 4.28 -25.95
N GLY A 274 -29.43 4.30 -24.77
CA GLY A 274 -28.93 3.08 -24.14
C GLY A 274 -27.53 2.67 -24.59
N GLU A 275 -27.04 3.21 -25.70
CA GLU A 275 -25.65 2.98 -26.12
C GLU A 275 -24.69 3.91 -25.39
N ALA A 276 -23.50 3.42 -25.08
CA ALA A 276 -22.50 4.17 -24.32
C ALA A 276 -21.07 3.84 -24.73
N LYS A 277 -20.16 4.79 -24.45
CA LYS A 277 -18.73 4.57 -24.60
C LYS A 277 -18.02 4.95 -23.31
N ASN A 278 -16.93 4.24 -23.02
CA ASN A 278 -15.98 4.65 -21.99
C ASN A 278 -14.60 4.76 -22.58
N THR A 279 -14.01 5.95 -22.48
CA THR A 279 -12.63 6.16 -22.87
C THR A 279 -11.79 5.87 -21.65
N TYR A 280 -10.77 5.03 -21.84
CA TYR A 280 -9.74 4.83 -20.84
C TYR A 280 -8.44 5.57 -21.26
N GLY A 281 -8.41 6.89 -21.08
CA GLY A 281 -7.17 7.66 -21.14
C GLY A 281 -6.48 7.64 -19.79
N THR A 282 -5.81 8.74 -19.42
CA THR A 282 -5.22 8.91 -18.06
C THR A 282 -6.25 8.54 -16.99
N GLY A 283 -7.42 9.18 -17.07
CA GLY A 283 -8.58 8.77 -16.31
C GLY A 283 -9.63 8.23 -17.27
N CYS A 284 -10.87 8.29 -16.85
CA CYS A 284 -11.99 7.73 -17.59
C CYS A 284 -13.00 8.80 -17.93
N PHE A 285 -13.74 8.56 -19.01
CA PHE A 285 -14.94 9.31 -19.30
C PHE A 285 -15.96 8.36 -19.89
N LEU A 286 -17.01 8.08 -19.11
CA LEU A 286 -18.12 7.26 -19.55
C LEU A 286 -19.27 8.17 -19.96
N LEU A 287 -19.72 8.05 -21.21
CA LEU A 287 -20.89 8.77 -21.72
C LEU A 287 -21.89 7.76 -22.28
N MET A 288 -23.15 7.89 -21.91
CA MET A 288 -24.25 7.06 -22.45
C MET A 288 -25.27 7.95 -23.14
N ASN A 289 -25.56 7.62 -24.39
CA ASN A 289 -26.67 8.23 -25.12
C ASN A 289 -27.97 7.92 -24.38
N VAL A 290 -28.65 8.96 -23.91
CA VAL A 290 -29.98 8.83 -23.27
C VAL A 290 -31.13 9.21 -24.21
N GLY A 291 -30.81 9.60 -25.44
CA GLY A 291 -31.80 9.91 -26.47
C GLY A 291 -32.26 11.35 -26.49
N GLU A 292 -33.23 11.61 -27.37
CA GLU A 292 -33.81 12.95 -27.58
C GLU A 292 -34.27 13.65 -26.30
N GLU A 293 -34.65 12.84 -25.31
CA GLU A 293 -35.08 13.32 -24.01
C GLU A 293 -33.84 13.65 -23.16
N ALA A 294 -33.74 14.88 -22.65
CA ALA A 294 -32.66 15.23 -21.71
C ALA A 294 -32.96 14.66 -20.32
N ARG A 295 -31.91 14.41 -19.54
CA ARG A 295 -32.01 13.73 -18.24
C ARG A 295 -31.13 14.39 -17.20
N PHE A 296 -31.47 14.15 -15.93
CA PHE A 296 -30.76 14.70 -14.76
C PHE A 296 -30.52 13.58 -13.76
N SER A 297 -29.81 13.84 -12.65
CA SER A 297 -29.30 12.73 -11.82
C SER A 297 -29.13 13.04 -10.32
N LYS A 298 -29.63 12.11 -9.51
CA LYS A 298 -29.51 12.14 -8.06
C LYS A 298 -28.09 11.81 -7.56
N HIS A 299 -27.26 11.21 -8.42
CA HIS A 299 -25.93 10.72 -8.01
C HIS A 299 -24.79 11.73 -8.21
N GLY A 300 -25.10 12.97 -8.58
CA GLY A 300 -24.06 13.98 -8.84
C GLY A 300 -23.31 13.82 -10.16
N LEU A 301 -23.76 12.91 -11.04
CA LEU A 301 -23.23 12.78 -12.39
C LEU A 301 -23.69 13.98 -13.23
N LEU A 302 -23.17 14.09 -14.46
CA LEU A 302 -23.45 15.25 -15.30
C LEU A 302 -24.48 14.97 -16.37
N SER A 303 -25.33 15.95 -16.64
CA SER A 303 -26.23 15.92 -17.79
C SER A 303 -25.61 16.80 -18.87
N THR A 304 -25.48 16.26 -20.08
CA THR A 304 -24.82 16.99 -21.17
C THR A 304 -25.43 16.67 -22.53
N VAL A 305 -25.10 17.50 -23.51
CA VAL A 305 -25.48 17.31 -24.89
C VAL A 305 -24.59 16.22 -25.46
N GLY A 306 -25.18 15.27 -26.16
CA GLY A 306 -24.45 14.18 -26.80
C GLY A 306 -24.03 14.64 -28.17
N PHE A 307 -25.04 14.90 -29.01
CA PHE A 307 -24.81 15.45 -30.36
C PHE A 307 -26.09 16.03 -31.01
N GLN A 308 -25.88 16.82 -32.06
CA GLN A 308 -26.95 17.43 -32.84
C GLN A 308 -26.46 17.70 -34.26
N VAL A 309 -26.86 16.83 -35.19
CA VAL A 309 -26.52 16.99 -36.60
C VAL A 309 -27.41 18.05 -37.23
N GLY A 310 -26.85 19.21 -37.54
CA GLY A 310 -27.55 20.27 -38.26
C GLY A 310 -28.45 21.14 -37.41
N ARG A 311 -28.94 22.22 -38.01
CA ARG A 311 -29.80 23.19 -37.34
C ARG A 311 -31.20 22.59 -37.24
N ASP A 312 -31.75 22.53 -36.04
CA ASP A 312 -33.09 21.98 -35.77
C ASP A 312 -33.27 20.47 -36.05
N GLY A 313 -32.27 19.81 -36.64
CA GLY A 313 -32.21 18.35 -36.65
C GLY A 313 -32.04 17.87 -35.22
N PRO A 314 -32.41 16.61 -34.95
CA PRO A 314 -32.61 16.15 -33.56
C PRO A 314 -31.37 16.28 -32.66
N CYS A 315 -31.57 16.86 -31.46
CA CYS A 315 -30.54 16.90 -30.44
C CYS A 315 -30.72 15.76 -29.45
N TYR A 316 -29.71 14.89 -29.39
CA TYR A 316 -29.68 13.77 -28.45
C TYR A 316 -28.79 14.16 -27.29
N TYR A 317 -29.19 13.79 -26.08
CA TYR A 317 -28.48 14.17 -24.85
C TYR A 317 -27.77 12.94 -24.29
N ALA A 318 -27.06 13.13 -23.18
CA ALA A 318 -26.35 12.03 -22.54
C ALA A 318 -26.04 12.34 -21.09
N LEU A 319 -25.80 11.29 -20.32
CA LEU A 319 -25.31 11.40 -18.94
C LEU A 319 -23.84 11.02 -18.92
N GLU A 320 -23.07 11.67 -18.05
CA GLU A 320 -21.62 11.55 -18.07
C GLU A 320 -21.06 11.31 -16.68
N GLY A 321 -20.13 10.35 -16.61
CA GLY A 321 -19.39 10.04 -15.40
C GLY A 321 -17.91 9.87 -15.73
N ALA A 322 -17.10 9.87 -14.68
CA ALA A 322 -15.65 9.84 -14.81
C ALA A 322 -15.00 9.07 -13.67
N ILE A 323 -13.74 8.67 -13.88
CA ILE A 323 -12.83 8.31 -12.79
C ILE A 323 -11.53 9.07 -13.07
N ALA A 324 -10.83 9.48 -12.00
CA ALA A 324 -9.61 10.28 -12.13
C ALA A 324 -8.34 9.46 -12.43
N CYS A 325 -8.27 8.22 -11.92
CA CYS A 325 -7.04 7.42 -12.01
C CYS A 325 -7.29 6.01 -12.60
N ALA A 326 -7.16 5.91 -13.92
CA ALA A 326 -7.31 4.67 -14.67
C ALA A 326 -5.96 4.27 -15.27
N GLY A 327 -5.53 4.98 -16.31
CA GLY A 327 -4.18 4.82 -16.85
C GLY A 327 -3.16 5.30 -15.85
N ALA A 328 -3.45 6.43 -15.23
CA ALA A 328 -2.63 6.97 -14.16
C ALA A 328 -2.23 5.92 -13.11
N THR A 329 -3.15 5.00 -12.78
CA THR A 329 -2.90 3.92 -11.81
C THR A 329 -1.93 2.88 -12.35
N VAL A 330 -2.20 2.40 -13.56
CA VAL A 330 -1.30 1.46 -14.25
C VAL A 330 0.14 2.03 -14.32
N GLU A 331 0.25 3.29 -14.71
CA GLU A 331 1.54 3.96 -14.84
C GLU A 331 2.19 4.18 -13.48
N TRP A 332 1.40 4.60 -12.51
CA TRP A 332 1.85 4.78 -11.13
C TRP A 332 2.46 3.48 -10.62
N MET A 333 1.73 2.36 -10.80
CA MET A 333 2.24 1.06 -10.38
C MET A 333 3.59 0.71 -10.99
N ARG A 334 3.80 1.11 -12.24
CA ARG A 334 5.09 0.94 -12.92
C ARG A 334 6.17 1.92 -12.44
N ARG A 335 5.97 3.21 -12.70
CA ARG A 335 7.05 4.18 -12.48
C ARG A 335 7.25 4.57 -11.01
N ASN A 336 6.17 4.73 -10.25
CA ASN A 336 6.29 5.10 -8.84
C ASN A 336 6.64 3.91 -7.97
N MET A 337 6.02 2.76 -8.25
CA MET A 337 6.15 1.57 -7.38
C MET A 337 7.07 0.49 -7.94
N ASN A 338 7.43 0.53 -9.21
CA ASN A 338 8.35 -0.46 -9.81
C ASN A 338 7.82 -1.90 -9.78
N LEU A 339 6.50 -2.04 -9.86
CA LEU A 339 5.84 -3.36 -9.83
C LEU A 339 6.02 -4.14 -11.16
N PHE A 340 6.38 -3.43 -12.22
CA PHE A 340 6.79 -4.01 -13.48
C PHE A 340 7.48 -2.92 -14.30
N SER A 341 8.02 -3.27 -15.46
CA SER A 341 8.67 -2.29 -16.34
C SER A 341 7.94 -2.22 -17.68
N HIS A 342 8.04 -3.27 -18.50
CA HIS A 342 7.45 -3.28 -19.84
C HIS A 342 5.90 -3.35 -19.78
N ILE A 343 5.25 -2.26 -20.24
CA ILE A 343 3.77 -2.11 -20.28
C ILE A 343 2.91 -3.39 -20.26
N THR A 344 3.28 -4.37 -21.08
CA THR A 344 2.52 -5.61 -21.22
C THR A 344 2.61 -6.54 -20.01
N GLU A 345 3.61 -6.36 -19.15
CA GLU A 345 3.72 -7.11 -17.89
C GLU A 345 2.50 -6.95 -16.98
N CYS A 346 1.93 -5.75 -16.94
CA CYS A 346 0.69 -5.44 -16.21
C CYS A 346 -0.42 -6.49 -16.38
N GLU A 347 -0.71 -6.83 -17.63
CA GLU A 347 -1.75 -7.83 -17.94
C GLU A 347 -1.32 -9.25 -17.57
N LYS A 348 -0.05 -9.58 -17.86
CA LYS A 348 0.47 -10.93 -17.63
C LYS A 348 0.44 -11.29 -16.14
N LEU A 349 0.88 -10.34 -15.30
CA LEU A 349 0.94 -10.54 -13.84
C LEU A 349 -0.45 -10.72 -13.22
N ALA A 350 -1.38 -9.85 -13.60
CA ALA A 350 -2.76 -9.95 -13.09
C ALA A 350 -3.39 -11.29 -13.47
N ARG A 351 -3.24 -11.66 -14.74
CA ARG A 351 -3.61 -12.99 -15.24
C ARG A 351 -3.04 -14.15 -14.41
N SER A 352 -1.77 -14.04 -14.03
CA SER A 352 -1.06 -15.10 -13.30
C SER A 352 -1.55 -15.42 -11.88
N VAL A 353 -2.70 -14.92 -11.45
CA VAL A 353 -3.23 -15.26 -10.13
C VAL A 353 -4.71 -15.53 -10.26
N PRO A 354 -5.25 -16.46 -9.46
CA PRO A 354 -6.67 -16.78 -9.56
C PRO A 354 -7.57 -15.57 -9.32
N GLY A 355 -7.20 -14.73 -8.36
CA GLY A 355 -7.95 -13.50 -8.08
C GLY A 355 -7.19 -12.58 -7.14
N THR A 356 -7.88 -11.59 -6.58
CA THR A 356 -7.26 -10.69 -5.60
C THR A 356 -7.07 -11.35 -4.21
N GLN A 357 -7.70 -12.50 -3.98
CA GLN A 357 -7.62 -13.30 -2.75
C GLN A 357 -7.83 -12.51 -1.48
N GLY A 358 -8.82 -11.63 -1.49
CA GLY A 358 -9.19 -10.89 -0.30
C GLY A 358 -8.58 -9.51 -0.14
N ILE A 359 -7.63 -9.12 -1.00
CA ILE A 359 -7.22 -7.71 -1.01
C ILE A 359 -8.13 -6.89 -1.91
N VAL A 360 -8.39 -5.64 -1.49
CA VAL A 360 -8.92 -4.61 -2.37
C VAL A 360 -7.93 -3.46 -2.40
N PHE A 361 -7.80 -2.86 -3.59
CA PHE A 361 -6.95 -1.71 -3.84
C PHE A 361 -7.89 -0.68 -4.46
N VAL A 362 -8.35 0.27 -3.65
CA VAL A 362 -9.09 1.44 -4.15
C VAL A 362 -8.02 2.42 -4.56
N PRO A 363 -7.85 2.68 -5.89
CA PRO A 363 -6.77 3.54 -6.31
C PRO A 363 -7.28 4.99 -6.43
N ALA A 364 -7.78 5.54 -5.32
CA ALA A 364 -8.39 6.88 -5.30
C ALA A 364 -7.38 7.97 -4.93
N PHE A 365 -6.32 8.08 -5.74
CA PHE A 365 -5.16 8.93 -5.44
C PHE A 365 -5.51 10.42 -5.30
N SER A 366 -6.50 10.87 -6.08
CA SER A 366 -7.00 12.25 -6.01
C SER A 366 -8.50 12.28 -5.67
N GLY A 367 -8.90 11.44 -4.71
CA GLY A 367 -10.31 11.32 -4.27
C GLY A 367 -11.24 10.59 -5.23
N LEU A 368 -12.30 10.02 -4.68
CA LEU A 368 -13.34 9.32 -5.44
C LEU A 368 -14.22 10.34 -6.14
N LEU A 369 -14.43 10.16 -7.44
CA LEU A 369 -15.29 11.03 -8.26
C LEU A 369 -16.69 10.42 -8.25
N ALA A 370 -17.47 10.61 -9.33
CA ALA A 370 -18.50 9.65 -9.72
C ALA A 370 -19.64 9.62 -8.68
N PRO A 371 -20.36 8.48 -8.45
CA PRO A 371 -21.51 8.64 -7.54
C PRO A 371 -21.20 8.65 -6.03
N TYR A 372 -19.93 8.79 -5.65
CA TYR A 372 -19.50 8.96 -4.25
C TYR A 372 -18.41 10.02 -4.21
N TRP A 373 -18.81 11.26 -4.45
CA TRP A 373 -17.89 12.38 -4.66
C TRP A 373 -17.16 12.75 -3.37
N ASP A 374 -16.10 12.01 -3.08
CA ASP A 374 -15.31 12.19 -1.87
C ASP A 374 -13.95 12.84 -2.18
N PRO A 375 -13.79 14.15 -1.91
CA PRO A 375 -12.48 14.76 -2.07
C PRO A 375 -11.44 14.32 -1.02
N SER A 376 -11.87 13.68 0.07
CA SER A 376 -10.95 13.26 1.14
C SER A 376 -10.40 11.84 0.97
N ALA A 377 -10.95 11.07 0.03
CA ALA A 377 -10.47 9.70 -0.18
C ALA A 377 -9.06 9.70 -0.77
N ARG A 378 -8.30 8.67 -0.43
CA ARG A 378 -6.94 8.51 -0.92
C ARG A 378 -6.69 7.11 -1.47
N GLY A 379 -5.51 6.91 -2.06
CA GLY A 379 -5.11 5.59 -2.54
C GLY A 379 -4.93 4.66 -1.36
N THR A 380 -5.68 3.57 -1.34
CA THR A 380 -5.64 2.65 -0.21
C THR A 380 -5.81 1.18 -0.61
N ILE A 381 -5.12 0.33 0.15
CA ILE A 381 -5.06 -1.12 -0.04
C ILE A 381 -5.34 -1.78 1.31
N VAL A 382 -6.14 -2.85 1.31
CA VAL A 382 -6.56 -3.54 2.54
C VAL A 382 -6.58 -5.04 2.33
N GLY A 383 -6.50 -5.77 3.44
CA GLY A 383 -6.57 -7.23 3.42
C GLY A 383 -5.29 -7.96 3.04
N MET A 384 -4.15 -7.27 2.98
CA MET A 384 -2.91 -7.90 2.57
C MET A 384 -2.45 -8.92 3.62
N THR A 385 -1.77 -9.98 3.18
CA THR A 385 -1.09 -10.95 4.04
C THR A 385 0.29 -11.21 3.44
N LEU A 386 1.10 -12.06 4.09
CA LEU A 386 2.43 -12.34 3.53
C LEU A 386 2.35 -13.11 2.20
N LYS A 387 1.19 -13.69 1.91
CA LYS A 387 0.92 -14.29 0.58
C LYS A 387 0.54 -13.27 -0.51
N THR A 388 0.40 -11.99 -0.16
CA THR A 388 0.07 -10.96 -1.13
C THR A 388 1.33 -10.55 -1.87
N THR A 389 1.19 -10.39 -3.19
CA THR A 389 2.30 -10.09 -4.10
C THR A 389 1.84 -9.04 -5.09
N ARG A 390 2.80 -8.52 -5.83
CA ARG A 390 2.53 -7.49 -6.84
C ARG A 390 1.42 -7.86 -7.81
N ALA A 391 1.36 -9.13 -8.21
CA ALA A 391 0.36 -9.64 -9.14
C ALA A 391 -1.08 -9.39 -8.66
N HIS A 392 -1.34 -9.75 -7.41
CA HIS A 392 -2.63 -9.48 -6.78
C HIS A 392 -2.95 -7.99 -6.80
N VAL A 393 -1.95 -7.18 -6.46
CA VAL A 393 -2.13 -5.73 -6.36
C VAL A 393 -2.46 -5.15 -7.73
N ILE A 394 -1.75 -5.61 -8.78
CA ILE A 394 -2.05 -5.17 -10.14
C ILE A 394 -3.44 -5.65 -10.57
N ARG A 395 -3.83 -6.85 -10.17
CA ARG A 395 -5.16 -7.35 -10.47
C ARG A 395 -6.25 -6.52 -9.77
N ALA A 396 -6.05 -6.24 -8.49
CA ALA A 396 -6.98 -5.43 -7.69
C ALA A 396 -7.19 -4.03 -8.27
N ALA A 397 -6.09 -3.41 -8.71
CA ALA A 397 -6.15 -2.13 -9.42
C ALA A 397 -7.07 -2.18 -10.64
N LEU A 398 -6.94 -3.23 -11.43
CA LEU A 398 -7.78 -3.43 -12.62
C LEU A 398 -9.23 -3.69 -12.25
N GLN A 399 -9.46 -4.54 -11.25
CA GLN A 399 -10.83 -4.78 -10.79
C GLN A 399 -11.47 -3.50 -10.29
N ALA A 400 -10.68 -2.67 -9.62
CA ALA A 400 -11.17 -1.43 -9.02
C ALA A 400 -11.59 -0.40 -10.07
N ILE A 401 -10.90 -0.38 -11.21
CA ILE A 401 -11.32 0.48 -12.32
C ILE A 401 -12.68 -0.04 -12.80
N ALA A 402 -12.80 -1.35 -13.00
CA ALA A 402 -14.06 -1.95 -13.45
C ALA A 402 -15.22 -1.77 -12.46
N LEU A 403 -14.91 -1.89 -11.18
CA LEU A 403 -15.87 -1.64 -10.11
C LEU A 403 -16.41 -0.21 -10.08
N GLN A 404 -15.56 0.76 -10.42
CA GLN A 404 -16.00 2.16 -10.50
C GLN A 404 -16.97 2.36 -11.66
N LEU A 405 -16.59 1.90 -12.85
CA LEU A 405 -17.53 1.98 -13.98
C LEU A 405 -18.81 1.23 -13.72
N ASN A 406 -18.74 0.13 -12.97
CA ASN A 406 -19.95 -0.57 -12.54
C ASN A 406 -20.89 0.30 -11.69
N ASP A 407 -20.30 0.96 -10.68
CA ASP A 407 -21.07 1.84 -9.80
C ASP A 407 -21.57 3.07 -10.56
N VAL A 408 -20.79 3.52 -11.56
CA VAL A 408 -21.15 4.66 -12.40
C VAL A 408 -22.30 4.27 -13.34
N VAL A 409 -22.12 3.18 -14.08
CA VAL A 409 -23.16 2.62 -14.97
C VAL A 409 -24.44 2.32 -14.19
N GLY A 410 -24.28 1.70 -13.01
CA GLY A 410 -25.39 1.47 -12.09
C GLY A 410 -26.18 2.75 -11.85
N SER A 411 -25.46 3.81 -11.46
CA SER A 411 -26.02 5.15 -11.27
C SER A 411 -26.69 5.68 -12.53
N MET A 412 -25.97 5.65 -13.64
CA MET A 412 -26.52 6.12 -14.91
C MET A 412 -27.86 5.46 -15.24
N LYS A 413 -27.88 4.13 -15.20
CA LYS A 413 -29.06 3.32 -15.58
C LYS A 413 -30.36 3.74 -14.87
N ARG A 414 -30.29 3.96 -13.55
CA ARG A 414 -31.44 4.40 -12.75
C ARG A 414 -31.99 5.72 -13.26
N ASP A 415 -31.15 6.76 -13.18
CA ASP A 415 -31.58 8.13 -13.46
C ASP A 415 -31.65 8.47 -14.96
N ALA A 416 -31.13 7.60 -15.81
CA ALA A 416 -31.40 7.65 -17.25
C ALA A 416 -32.75 7.02 -17.58
N GLY A 417 -33.09 5.96 -16.85
CA GLY A 417 -34.31 5.18 -17.07
C GLY A 417 -34.15 4.07 -18.10
N LEU A 418 -32.90 3.71 -18.41
CA LEU A 418 -32.61 2.68 -19.41
C LEU A 418 -31.56 1.72 -18.91
N ASN A 419 -31.34 0.67 -19.70
CA ASN A 419 -30.21 -0.22 -19.53
C ASN A 419 -29.13 0.21 -20.50
N LEU A 420 -27.92 -0.22 -20.19
CA LEU A 420 -26.80 -0.10 -21.12
C LEU A 420 -26.83 -1.37 -21.95
N SER A 421 -26.99 -1.23 -23.27
CA SER A 421 -27.14 -2.37 -24.18
C SER A 421 -25.81 -2.91 -24.67
N SER A 422 -24.89 -2.01 -24.98
CA SER A 422 -23.50 -2.36 -25.23
C SER A 422 -22.59 -1.19 -24.91
N LEU A 423 -21.34 -1.52 -24.52
CA LEU A 423 -20.30 -0.55 -24.27
C LEU A 423 -19.21 -0.59 -25.36
N ARG A 424 -18.94 0.55 -26.00
CA ARG A 424 -17.77 0.68 -26.86
C ARG A 424 -16.67 1.18 -25.95
N VAL A 425 -15.42 0.78 -26.19
CA VAL A 425 -14.31 1.22 -25.34
C VAL A 425 -13.11 1.65 -26.17
N ASP A 426 -12.51 2.77 -25.79
CA ASP A 426 -11.34 3.34 -26.48
C ASP A 426 -10.32 3.90 -25.49
N GLY A 427 -9.13 4.23 -26.00
CA GLY A 427 -7.99 4.64 -25.17
C GLY A 427 -7.09 3.46 -24.85
N GLY A 428 -5.79 3.73 -24.66
CA GLY A 428 -4.76 2.73 -24.36
C GLY A 428 -5.14 1.51 -23.53
N LEU A 429 -5.90 1.71 -22.46
CA LEU A 429 -6.33 0.60 -21.57
C LEU A 429 -7.44 -0.29 -22.12
N SER A 430 -8.06 0.10 -23.24
CA SER A 430 -8.94 -0.81 -24.00
C SER A 430 -8.17 -1.99 -24.62
N LYS A 431 -6.85 -1.82 -24.83
CA LYS A 431 -5.96 -2.87 -25.35
C LYS A 431 -5.50 -3.87 -24.26
N ASN A 432 -6.13 -3.87 -23.08
CA ASN A 432 -5.89 -4.83 -22.00
C ASN A 432 -7.11 -5.75 -21.93
N GLY A 433 -6.95 -7.00 -22.36
CA GLY A 433 -8.02 -7.98 -22.40
C GLY A 433 -8.68 -8.29 -21.08
N LEU A 434 -7.87 -8.52 -20.04
CA LEU A 434 -8.40 -8.89 -18.71
C LEU A 434 -9.37 -7.86 -18.13
N LEU A 435 -9.01 -6.58 -18.29
CA LEU A 435 -9.87 -5.49 -17.83
C LEU A 435 -11.18 -5.42 -18.61
N MET A 436 -11.13 -5.55 -19.94
CA MET A 436 -12.34 -5.56 -20.75
C MET A 436 -13.21 -6.74 -20.36
N GLU A 437 -12.61 -7.92 -20.24
CA GLU A 437 -13.29 -9.11 -19.67
C GLU A 437 -14.02 -8.85 -18.34
N ILE A 438 -13.26 -8.48 -17.30
CA ILE A 438 -13.86 -8.20 -15.98
C ILE A 438 -14.95 -7.14 -16.11
N GLN A 439 -14.72 -6.11 -16.92
CA GLN A 439 -15.71 -5.06 -17.10
C GLN A 439 -16.99 -5.66 -17.68
N ALA A 440 -16.84 -6.41 -18.77
CA ALA A 440 -17.99 -7.05 -19.46
C ALA A 440 -18.76 -8.02 -18.58
N SER A 441 -18.05 -8.68 -17.66
CA SER A 441 -18.68 -9.57 -16.69
C SER A 441 -19.55 -8.76 -15.76
N LEU A 442 -18.95 -7.77 -15.10
CA LEU A 442 -19.61 -7.01 -14.03
C LEU A 442 -20.84 -6.27 -14.49
N LEU A 443 -20.72 -5.58 -15.62
CA LEU A 443 -21.86 -4.88 -16.21
C LEU A 443 -22.86 -5.86 -16.79
N GLY A 444 -22.35 -6.93 -17.37
CA GLY A 444 -23.18 -7.89 -18.11
C GLY A 444 -23.63 -7.30 -19.42
N VAL A 445 -22.67 -6.89 -20.25
CA VAL A 445 -22.93 -6.53 -21.65
C VAL A 445 -21.71 -6.80 -22.51
N ASP A 446 -21.96 -6.99 -23.79
CA ASP A 446 -20.89 -7.07 -24.76
C ASP A 446 -20.13 -5.76 -24.69
N ILE A 447 -18.82 -5.86 -24.85
CA ILE A 447 -17.95 -4.72 -24.92
C ILE A 447 -17.27 -4.74 -26.29
N LEU A 448 -17.49 -3.70 -27.08
CA LEU A 448 -16.93 -3.60 -28.41
C LEU A 448 -15.63 -2.77 -28.37
N VAL A 449 -14.61 -3.24 -29.08
CA VAL A 449 -13.26 -2.67 -29.05
C VAL A 449 -12.88 -2.38 -30.49
N PRO A 450 -12.98 -1.10 -30.93
CA PRO A 450 -12.78 -0.80 -32.36
C PRO A 450 -11.31 -0.86 -32.74
N SER A 451 -10.98 -1.62 -33.78
CA SER A 451 -9.59 -1.75 -34.26
C SER A 451 -9.13 -0.50 -35.03
N MET A 452 -10.07 0.27 -35.58
CA MET A 452 -9.79 1.65 -35.99
C MET A 452 -9.91 2.42 -34.70
N HIS A 453 -8.78 2.66 -34.05
CA HIS A 453 -8.78 3.11 -32.65
C HIS A 453 -8.98 4.61 -32.46
N GLU A 454 -9.06 5.35 -33.58
CA GLU A 454 -9.03 6.80 -33.57
C GLU A 454 -10.45 7.42 -33.59
N THR A 455 -11.28 7.02 -32.63
CA THR A 455 -12.72 7.35 -32.63
C THR A 455 -13.05 8.82 -32.33
N THR A 456 -12.28 9.48 -31.48
CA THR A 456 -12.49 10.91 -31.20
C THR A 456 -12.36 11.73 -32.48
N ALA A 457 -11.26 11.52 -33.20
CA ALA A 457 -11.02 12.26 -34.44
C ALA A 457 -12.02 11.90 -35.55
N LEU A 458 -12.58 10.68 -35.50
CA LEU A 458 -13.66 10.30 -36.41
C LEU A 458 -14.97 11.07 -36.13
N GLY A 459 -15.30 11.28 -34.85
CA GLY A 459 -16.50 12.01 -34.50
C GLY A 459 -16.52 13.39 -35.11
N ALA A 460 -15.37 14.07 -35.03
CA ALA A 460 -15.20 15.37 -35.66
C ALA A 460 -15.42 15.31 -37.17
N ALA A 461 -14.72 14.38 -37.82
CA ALA A 461 -14.75 14.24 -39.28
C ALA A 461 -16.05 13.71 -39.82
N LEU A 462 -16.81 13.00 -39.00
CA LEU A 462 -18.13 12.53 -39.40
C LEU A 462 -19.10 13.69 -39.53
N CYS A 463 -19.18 14.54 -38.50
CA CYS A 463 -19.96 15.78 -38.55
C CYS A 463 -19.63 16.61 -39.79
N ALA A 464 -18.34 16.81 -40.03
CA ALA A 464 -17.85 17.50 -41.23
C ALA A 464 -18.39 16.85 -42.50
N GLY A 465 -18.22 15.53 -42.60
CA GLY A 465 -18.64 14.78 -43.79
C GLY A 465 -20.13 14.64 -44.01
N LEU A 466 -20.90 14.65 -42.92
CA LEU A 466 -22.35 14.71 -43.02
C LEU A 466 -22.75 16.03 -43.67
N ALA A 467 -22.21 17.14 -43.15
CA ALA A 467 -22.58 18.46 -43.64
C ALA A 467 -22.04 18.82 -45.04
N ALA A 468 -21.20 17.96 -45.62
CA ALA A 468 -20.72 18.12 -47.01
C ALA A 468 -21.05 16.94 -47.95
N GLY A 469 -21.87 16.00 -47.49
CA GLY A 469 -22.37 14.91 -48.34
C GLY A 469 -21.34 13.89 -48.80
N VAL A 470 -20.34 13.62 -47.96
CA VAL A 470 -19.43 12.49 -48.19
C VAL A 470 -20.16 11.23 -47.73
N TRP A 471 -20.90 11.36 -46.63
CA TRP A 471 -21.87 10.36 -46.18
C TRP A 471 -23.24 11.06 -46.13
N THR A 472 -24.26 10.35 -46.61
CA THR A 472 -25.63 10.90 -46.77
C THR A 472 -26.43 10.86 -45.46
N SER A 473 -26.35 9.74 -44.76
CA SER A 473 -27.10 9.52 -43.51
C SER A 473 -26.27 8.82 -42.44
N LEU A 474 -26.80 8.81 -41.21
CA LEU A 474 -26.22 8.04 -40.11
C LEU A 474 -26.16 6.55 -40.42
N GLU A 475 -27.14 6.03 -41.17
CA GLU A 475 -27.12 4.62 -41.53
C GLU A 475 -26.05 4.31 -42.60
N GLU A 476 -25.80 5.23 -43.53
CA GLU A 476 -24.68 5.05 -44.47
C GLU A 476 -23.37 5.01 -43.69
N VAL A 477 -23.26 5.88 -42.68
CA VAL A 477 -22.10 5.90 -41.79
C VAL A 477 -22.02 4.56 -41.06
N LYS A 478 -23.05 4.24 -40.26
CA LYS A 478 -23.12 2.92 -39.57
C LYS A 478 -22.72 1.76 -40.49
N ALA A 479 -23.31 1.75 -41.69
CA ALA A 479 -23.07 0.70 -42.69
C ALA A 479 -21.60 0.64 -43.09
N VAL A 480 -21.06 1.78 -43.55
CA VAL A 480 -19.64 1.89 -43.96
C VAL A 480 -18.72 1.46 -42.81
N SER A 481 -19.01 1.96 -41.62
CA SER A 481 -18.31 1.58 -40.40
C SER A 481 -18.22 0.05 -40.26
N ARG A 482 -19.37 -0.61 -40.41
CA ARG A 482 -19.45 -2.08 -40.36
C ARG A 482 -18.76 -2.75 -41.57
N ARG A 483 -18.80 -2.07 -42.71
CA ARG A 483 -18.20 -2.57 -43.96
C ARG A 483 -16.66 -2.50 -43.94
N GLU A 484 -16.10 -1.37 -43.48
CA GLU A 484 -14.65 -1.11 -43.59
C GLU A 484 -13.84 -1.36 -42.32
N ASN A 485 -14.40 -1.04 -41.14
CA ASN A 485 -13.64 -1.04 -39.88
C ASN A 485 -14.11 -2.09 -38.87
N SER A 486 -13.16 -2.83 -38.31
CA SER A 486 -13.42 -4.09 -37.59
C SER A 486 -13.67 -3.87 -36.09
N TRP A 487 -14.65 -4.62 -35.55
CA TRP A 487 -15.25 -4.37 -34.21
C TRP A 487 -15.12 -5.57 -33.27
N LYS A 488 -13.91 -5.90 -32.81
CA LYS A 488 -13.68 -7.01 -31.85
C LYS A 488 -14.55 -6.85 -30.59
N THR A 489 -15.11 -7.97 -30.12
CA THR A 489 -16.14 -7.95 -29.07
C THR A 489 -15.77 -8.86 -27.89
N VAL A 490 -16.02 -8.39 -26.66
CA VAL A 490 -15.75 -9.16 -25.45
C VAL A 490 -17.04 -9.35 -24.67
N SER A 491 -17.38 -10.61 -24.44
CA SER A 491 -18.69 -11.01 -23.93
C SER A 491 -18.60 -11.29 -22.44
N PRO A 492 -19.72 -11.12 -21.71
CA PRO A 492 -19.70 -11.44 -20.27
C PRO A 492 -19.40 -12.92 -20.01
N SER A 493 -18.81 -13.19 -18.84
CA SER A 493 -18.48 -14.55 -18.44
C SER A 493 -18.45 -14.62 -16.90
N GLY A 494 -19.55 -14.17 -16.30
CA GLY A 494 -19.64 -13.97 -14.86
C GLY A 494 -20.52 -14.95 -14.11
N SER A 495 -19.90 -15.62 -13.14
CA SER A 495 -20.64 -16.30 -12.07
C SER A 495 -21.29 -15.22 -11.20
N ALA A 496 -22.59 -14.99 -11.38
CA ALA A 496 -23.31 -13.89 -10.71
C ALA A 496 -23.12 -13.79 -9.18
N MET A 497 -22.86 -14.92 -8.51
CA MET A 497 -22.48 -14.91 -7.09
C MET A 497 -21.11 -14.25 -6.84
N GLU A 498 -20.19 -14.37 -7.80
CA GLU A 498 -18.86 -13.73 -7.71
C GLU A 498 -18.96 -12.20 -7.85
N ARG A 499 -19.83 -11.74 -8.76
CA ARG A 499 -20.14 -10.31 -8.89
C ARG A 499 -20.67 -9.74 -7.57
N GLU A 500 -21.55 -10.50 -6.90
CA GLU A 500 -22.04 -10.15 -5.55
C GLU A 500 -20.86 -9.99 -4.57
N ALA A 501 -20.03 -11.02 -4.46
CA ALA A 501 -18.90 -11.04 -3.52
C ALA A 501 -17.82 -9.99 -3.85
N MET A 502 -17.64 -9.71 -5.14
CA MET A 502 -16.65 -8.72 -5.59
C MET A 502 -17.11 -7.30 -5.26
N ILE A 503 -18.41 -7.04 -5.46
CA ILE A 503 -18.99 -5.72 -5.13
C ILE A 503 -19.14 -5.52 -3.61
N ALA A 504 -19.29 -6.62 -2.87
CA ALA A 504 -19.37 -6.55 -1.40
C ALA A 504 -18.02 -6.20 -0.78
N GLU A 505 -16.96 -6.82 -1.30
CA GLU A 505 -15.58 -6.42 -0.98
C GLU A 505 -15.37 -4.94 -1.27
N TRP A 506 -15.82 -4.54 -2.46
CA TRP A 506 -15.69 -3.17 -2.96
C TRP A 506 -16.38 -2.17 -2.03
N ARG A 507 -17.69 -2.34 -1.83
CA ARG A 507 -18.49 -1.50 -0.90
C ARG A 507 -17.75 -1.27 0.43
N GLU A 508 -17.26 -2.35 1.02
CA GLU A 508 -16.57 -2.33 2.30
C GLU A 508 -15.25 -1.56 2.33
N ALA A 509 -14.42 -1.78 1.31
CA ALA A 509 -13.11 -1.14 1.23
C ALA A 509 -13.24 0.40 1.12
N LEU A 510 -14.19 0.86 0.33
CA LEU A 510 -14.45 2.29 0.13
C LEU A 510 -14.66 3.11 1.41
N LYS A 511 -15.16 2.46 2.48
CA LYS A 511 -15.30 3.10 3.80
C LYS A 511 -13.98 3.45 4.47
N ARG A 512 -12.91 2.74 4.11
CA ARG A 512 -11.56 2.95 4.67
C ARG A 512 -10.68 3.93 3.87
N THR A 513 -11.22 4.48 2.77
CA THR A 513 -10.50 5.40 1.90
C THR A 513 -10.34 6.81 2.50
N LYS A 514 -11.40 7.29 3.17
CA LYS A 514 -11.44 8.62 3.80
C LYS A 514 -10.18 8.93 4.60
N TRP A 515 -9.49 10.00 4.24
CA TRP A 515 -8.18 10.31 4.83
C TRP A 515 -7.83 11.81 4.92
N ALA A 516 -7.83 12.53 3.80
CA ALA A 516 -7.31 13.91 3.76
C ALA A 516 -8.13 14.91 4.58
N LYS A 517 -7.45 15.65 5.46
CA LYS A 517 -8.04 16.69 6.31
C LYS A 517 -9.14 16.17 7.22
N PHE B 5 47.47 -14.09 37.48
CA PHE B 5 46.45 -15.00 36.90
C PHE B 5 46.69 -15.23 35.40
N THR B 6 45.97 -16.21 34.85
CA THR B 6 45.94 -16.52 33.41
C THR B 6 44.64 -16.01 32.78
N MET B 7 44.62 -15.95 31.43
CA MET B 7 43.42 -15.52 30.66
C MET B 7 42.24 -16.44 30.91
N LYS B 8 41.03 -15.88 31.10
CA LYS B 8 39.82 -16.67 31.37
C LYS B 8 38.81 -16.61 30.21
N TYR B 9 38.03 -17.70 30.09
CA TYR B 9 37.08 -17.92 28.99
C TYR B 9 35.76 -18.52 29.49
N VAL B 10 34.64 -17.96 29.03
CA VAL B 10 33.29 -18.43 29.36
C VAL B 10 32.55 -18.82 28.08
N GLY B 11 32.11 -20.07 28.01
CA GLY B 11 31.36 -20.57 26.86
C GLY B 11 29.87 -20.29 26.99
N SER B 12 29.20 -20.07 25.86
CA SER B 12 27.74 -19.96 25.84
C SER B 12 27.15 -20.83 24.73
N ILE B 13 26.19 -21.69 25.10
CA ILE B 13 25.39 -22.46 24.15
C ILE B 13 24.14 -21.64 23.80
N ASP B 14 24.04 -21.26 22.54
CA ASP B 14 22.88 -20.49 22.05
C ASP B 14 21.92 -21.39 21.24
N GLN B 15 20.96 -22.01 21.94
CA GLN B 15 20.05 -22.96 21.30
C GLN B 15 18.84 -22.21 20.76
N GLY B 16 18.89 -21.89 19.47
CA GLY B 16 17.83 -21.14 18.81
C GLY B 16 16.74 -21.99 18.17
N THR B 17 15.70 -21.30 17.71
CA THR B 17 14.61 -21.90 16.96
C THR B 17 15.10 -22.70 15.75
N THR B 18 16.06 -22.16 15.00
CA THR B 18 16.55 -22.84 13.79
C THR B 18 18.02 -23.24 13.73
N SER B 19 18.81 -22.85 14.73
CA SER B 19 20.20 -23.31 14.82
C SER B 19 20.65 -23.30 16.26
N THR B 20 21.88 -23.78 16.47
CA THR B 20 22.50 -23.82 17.78
C THR B 20 23.93 -23.36 17.55
N ARG B 21 24.42 -22.48 18.41
CA ARG B 21 25.77 -21.95 18.33
C ARG B 21 26.45 -22.18 19.65
N PHE B 22 27.76 -22.42 19.62
CA PHE B 22 28.57 -22.29 20.82
C PHE B 22 29.55 -21.16 20.58
N ILE B 23 29.51 -20.17 21.48
CA ILE B 23 30.35 -18.98 21.39
C ILE B 23 31.21 -18.95 22.63
N ILE B 24 32.51 -18.85 22.44
CA ILE B 24 33.45 -18.71 23.54
C ILE B 24 33.82 -17.24 23.71
N PHE B 25 33.38 -16.65 24.83
CA PHE B 25 33.72 -15.27 25.20
C PHE B 25 34.98 -15.23 26.08
N ASP B 26 35.79 -14.16 25.92
CA ASP B 26 36.94 -13.90 26.83
C ASP B 26 36.55 -12.96 27.99
N GLU B 27 37.45 -12.79 28.95
CA GLU B 27 37.20 -11.90 30.11
C GLU B 27 36.95 -10.42 29.75
N ARG B 28 37.22 -10.04 28.49
CA ARG B 28 36.88 -8.73 27.92
C ARG B 28 35.58 -8.74 27.10
N GLN B 29 34.81 -9.84 27.19
CA GLN B 29 33.49 -9.99 26.54
C GLN B 29 33.48 -9.94 25.00
N ARG B 30 34.61 -10.31 24.41
CA ARG B 30 34.77 -10.46 22.98
C ARG B 30 34.43 -11.90 22.63
N PRO B 31 33.61 -12.14 21.58
CA PRO B 31 33.46 -13.50 21.09
C PRO B 31 34.70 -13.86 20.29
N VAL B 32 35.44 -14.86 20.75
CA VAL B 32 36.74 -15.24 20.18
C VAL B 32 36.78 -16.61 19.48
N SER B 33 35.61 -17.26 19.41
CA SER B 33 35.41 -18.48 18.65
C SER B 33 33.92 -18.71 18.59
N VAL B 34 33.45 -19.24 17.46
CA VAL B 34 32.04 -19.49 17.23
C VAL B 34 31.87 -20.71 16.35
N HIS B 35 30.83 -21.49 16.60
CA HIS B 35 30.38 -22.48 15.62
C HIS B 35 28.87 -22.68 15.67
N GLN B 36 28.25 -22.74 14.48
CA GLN B 36 26.80 -22.92 14.32
C GLN B 36 26.50 -24.30 13.72
N VAL B 37 25.36 -24.87 14.08
CA VAL B 37 24.86 -26.14 13.51
C VAL B 37 23.32 -26.11 13.47
N PRO B 38 22.72 -26.18 12.26
CA PRO B 38 21.26 -26.22 12.20
C PRO B 38 20.67 -27.57 12.64
N HIS B 39 19.38 -27.57 12.93
CA HIS B 39 18.64 -28.78 13.29
C HIS B 39 17.30 -28.74 12.54
N THR B 40 16.69 -29.91 12.38
CA THR B 40 15.61 -30.11 11.41
C THR B 40 14.27 -29.54 11.90
N GLN B 41 13.65 -28.74 11.05
CA GLN B 41 12.30 -28.22 11.29
C GLN B 41 11.26 -29.21 10.75
N HIS B 42 10.73 -30.05 11.65
CA HIS B 42 9.68 -31.00 11.30
C HIS B 42 8.32 -30.34 11.38
N THR B 43 7.54 -30.45 10.31
CA THR B 43 6.18 -29.89 10.27
C THR B 43 5.14 -30.94 9.79
N PRO B 44 4.71 -31.86 10.70
CA PRO B 44 3.69 -32.90 10.41
C PRO B 44 2.42 -32.41 9.71
N HIS B 45 1.70 -31.47 10.33
CA HIS B 45 0.49 -30.87 9.75
C HIS B 45 0.67 -29.36 9.71
N PRO B 46 -0.08 -28.66 8.83
CA PRO B 46 0.04 -27.19 8.77
C PRO B 46 -0.12 -26.54 10.15
N GLY B 47 0.82 -25.68 10.52
CA GLY B 47 0.80 -25.03 11.84
C GLY B 47 1.51 -25.79 12.95
N TRP B 48 2.06 -26.97 12.63
CA TRP B 48 2.75 -27.78 13.61
C TRP B 48 4.24 -27.62 13.37
N LEU B 49 4.99 -27.41 14.45
CA LEU B 49 6.44 -27.35 14.40
C LEU B 49 7.00 -28.09 15.60
N GLU B 50 8.03 -28.90 15.31
CA GLU B 50 8.51 -29.92 16.21
C GLU B 50 10.02 -30.07 16.00
N HIS B 51 10.77 -30.18 17.09
CA HIS B 51 12.21 -30.38 17.00
C HIS B 51 12.62 -31.70 17.62
N ASP B 52 13.54 -32.38 16.95
CA ASP B 52 14.16 -33.59 17.48
C ASP B 52 15.08 -33.20 18.67
N PRO B 53 14.68 -33.52 19.93
CA PRO B 53 15.50 -33.14 21.12
C PRO B 53 16.93 -33.67 21.14
N MET B 54 17.13 -34.91 20.73
CA MET B 54 18.47 -35.51 20.66
C MET B 54 19.32 -34.86 19.56
N GLU B 55 18.70 -34.49 18.45
CA GLU B 55 19.40 -33.80 17.37
C GLU B 55 20.00 -32.48 17.90
N ILE B 56 19.21 -31.74 18.67
CA ILE B 56 19.62 -30.46 19.23
C ILE B 56 20.79 -30.66 20.17
N PHE B 57 20.64 -31.59 21.11
CA PHE B 57 21.72 -31.98 22.03
C PHE B 57 23.04 -32.37 21.33
N ARG B 58 22.96 -32.94 20.13
CA ARG B 58 24.16 -33.22 19.33
C ARG B 58 24.69 -31.95 18.67
N SER B 59 23.80 -31.07 18.23
CA SER B 59 24.20 -29.78 17.67
C SER B 59 25.04 -29.05 18.70
N ALA B 60 24.48 -28.88 19.89
CA ALA B 60 25.15 -28.20 21.00
C ALA B 60 26.53 -28.80 21.28
N CYS B 61 26.56 -30.13 21.40
CA CYS B 61 27.78 -30.84 21.73
C CYS B 61 28.82 -30.71 20.61
N LYS B 62 28.37 -30.81 19.36
CA LYS B 62 29.27 -30.66 18.22
C LYS B 62 29.77 -29.21 18.14
N CYS B 63 28.87 -28.25 18.41
CA CYS B 63 29.24 -26.84 18.45
C CYS B 63 30.36 -26.57 19.44
N MET B 64 30.23 -27.13 20.64
CA MET B 64 31.25 -26.99 21.67
C MET B 64 32.60 -27.48 21.18
N SER B 65 32.66 -28.73 20.74
CA SER B 65 33.92 -29.35 20.32
C SER B 65 34.62 -28.67 19.14
N VAL B 66 33.87 -28.12 18.19
CA VAL B 66 34.48 -27.36 17.08
C VAL B 66 35.06 -26.04 17.57
N ALA B 67 34.25 -25.23 18.26
CA ALA B 67 34.68 -23.89 18.74
C ALA B 67 35.94 -23.94 19.57
N ILE B 68 35.98 -24.94 20.46
CA ILE B 68 37.14 -25.19 21.31
C ILE B 68 38.35 -25.45 20.43
N ALA B 69 38.25 -26.49 19.59
CA ALA B 69 39.34 -26.89 18.68
C ALA B 69 39.91 -25.71 17.86
N LYS B 70 39.01 -24.85 17.38
CA LYS B 70 39.43 -23.66 16.64
C LYS B 70 40.15 -22.65 17.53
N LEU B 71 39.65 -22.48 18.75
CA LEU B 71 40.27 -21.55 19.72
C LEU B 71 41.68 -22.01 20.11
N ARG B 72 41.83 -23.29 20.43
CA ARG B 72 43.17 -23.83 20.73
C ARG B 72 44.13 -23.53 19.58
N GLN B 73 43.61 -23.58 18.34
CA GLN B 73 44.40 -23.27 17.15
C GLN B 73 44.81 -21.80 17.06
N LYS B 74 43.87 -20.87 17.26
CA LYS B 74 44.19 -19.43 17.14
C LYS B 74 44.44 -18.67 18.46
N ASP B 75 44.70 -19.38 19.55
CA ASP B 75 44.94 -18.76 20.87
C ASP B 75 45.84 -19.65 21.72
N ALA B 76 47.11 -19.26 21.79
CA ALA B 76 48.11 -19.98 22.57
C ALA B 76 47.89 -19.86 24.10
N SER B 77 47.14 -18.85 24.56
CA SER B 77 46.83 -18.62 25.99
C SER B 77 45.41 -19.05 26.39
N PHE B 78 44.79 -19.89 25.57
CA PHE B 78 43.51 -20.53 25.90
C PHE B 78 43.81 -21.88 26.50
N ARG B 79 43.52 -22.03 27.80
CA ARG B 79 43.75 -23.31 28.49
C ARG B 79 42.47 -24.12 28.64
N LYS B 80 41.40 -23.50 29.15
CA LYS B 80 40.12 -24.20 29.38
C LYS B 80 38.96 -23.22 29.46
N ILE B 81 37.77 -23.76 29.71
CA ILE B 81 36.56 -22.98 29.85
C ILE B 81 36.17 -22.98 31.33
N GLU B 82 36.11 -21.79 31.91
CA GLU B 82 35.83 -21.62 33.34
C GLU B 82 34.41 -22.07 33.67
N ALA B 83 33.48 -21.75 32.79
CA ALA B 83 32.07 -22.12 32.96
C ALA B 83 31.32 -22.06 31.64
N ILE B 84 30.17 -22.72 31.58
CA ILE B 84 29.31 -22.74 30.40
C ILE B 84 27.99 -22.08 30.77
N GLY B 85 27.48 -21.29 29.85
CA GLY B 85 26.14 -20.71 29.97
C GLY B 85 25.24 -21.36 28.94
N ILE B 86 23.93 -21.28 29.18
CA ILE B 86 22.94 -21.83 28.27
C ILE B 86 21.81 -20.83 28.08
N THR B 87 21.45 -20.59 26.83
CA THR B 87 20.33 -19.75 26.51
C THR B 87 19.55 -20.40 25.40
N ASN B 88 18.24 -20.23 25.44
CA ASN B 88 17.35 -21.08 24.65
C ASN B 88 16.06 -20.45 24.21
N GLN B 89 15.64 -20.85 23.02
CA GLN B 89 14.26 -20.72 22.58
C GLN B 89 13.30 -21.19 23.67
N ARG B 90 12.49 -20.26 24.14
CA ARG B 90 11.67 -20.45 25.30
C ARG B 90 10.39 -21.20 24.92
N GLU B 91 9.60 -21.57 25.94
CA GLU B 91 8.33 -22.32 25.78
C GLU B 91 8.40 -23.71 25.14
N THR B 92 9.51 -24.06 24.51
CA THR B 92 9.58 -25.26 23.70
C THR B 92 9.76 -26.42 24.68
N THR B 93 8.78 -27.34 24.67
CA THR B 93 8.60 -28.32 25.73
C THR B 93 9.06 -29.69 25.25
N VAL B 94 9.93 -30.33 26.03
CA VAL B 94 10.44 -31.66 25.72
C VAL B 94 9.89 -32.66 26.75
N ALA B 95 9.39 -33.80 26.27
CA ALA B 95 9.01 -34.91 27.13
C ALA B 95 10.08 -35.97 27.01
N TRP B 96 10.64 -36.40 28.14
CA TRP B 96 11.61 -37.49 28.15
C TRP B 96 11.47 -38.37 29.40
N ASP B 97 11.96 -39.61 29.28
CA ASP B 97 11.88 -40.63 30.34
C ASP B 97 13.18 -40.75 31.13
N ARG B 98 13.05 -40.80 32.46
CA ARG B 98 14.18 -40.86 33.38
C ARG B 98 15.04 -42.12 33.28
N VAL B 99 14.47 -43.25 32.84
CA VAL B 99 15.22 -44.51 32.68
C VAL B 99 15.83 -44.70 31.28
N THR B 100 15.06 -44.44 30.22
CA THR B 100 15.57 -44.58 28.84
C THR B 100 16.48 -43.41 28.52
N LYS B 101 16.14 -42.23 29.07
CA LYS B 101 16.89 -40.98 28.91
C LYS B 101 16.77 -40.38 27.49
N GLU B 102 15.72 -40.74 26.77
CA GLU B 102 15.45 -40.24 25.42
C GLU B 102 14.10 -39.50 25.39
N PRO B 103 13.85 -38.70 24.34
CA PRO B 103 12.50 -38.21 24.12
C PRO B 103 11.49 -39.33 23.83
N LEU B 104 10.28 -39.15 24.36
CA LEU B 104 9.12 -40.00 24.10
C LEU B 104 8.37 -39.55 22.85
N CYS B 105 8.57 -38.29 22.48
CA CYS B 105 8.24 -37.79 21.15
C CYS B 105 9.13 -36.62 20.84
N TYR B 106 8.98 -36.08 19.63
CA TYR B 106 9.60 -34.81 19.30
C TYR B 106 8.91 -33.66 20.05
N ALA B 107 9.70 -32.63 20.37
CA ALA B 107 9.27 -31.53 21.23
C ALA B 107 8.51 -30.52 20.39
N PRO B 108 7.26 -30.20 20.76
CA PRO B 108 6.59 -29.10 20.04
C PRO B 108 7.12 -27.69 20.39
N VAL B 109 7.21 -26.85 19.37
CA VAL B 109 7.95 -25.60 19.44
C VAL B 109 7.04 -24.45 19.92
N TRP B 110 7.64 -23.39 20.47
CA TRP B 110 6.90 -22.20 20.92
C TRP B 110 5.80 -21.70 19.97
N ASN B 111 6.14 -21.53 18.69
CA ASN B 111 5.17 -21.05 17.67
C ASN B 111 4.19 -22.13 17.17
N ASP B 112 4.34 -23.37 17.64
CA ASP B 112 3.42 -24.48 17.33
C ASP B 112 1.97 -24.17 17.73
N LEU B 113 1.04 -24.68 16.91
CA LEU B 113 -0.39 -24.42 17.04
C LEU B 113 -1.26 -25.61 17.47
N ARG B 114 -0.72 -26.83 17.58
CA ARG B 114 -1.53 -28.01 17.92
C ARG B 114 -2.22 -27.91 19.29
N THR B 115 -1.67 -27.08 20.18
CA THR B 115 -2.31 -26.73 21.46
C THR B 115 -3.60 -25.88 21.34
N TYR B 116 -3.95 -25.41 20.15
CA TYR B 116 -5.09 -24.50 19.94
C TYR B 116 -6.37 -24.95 20.64
N ASP B 117 -6.84 -26.14 20.30
CA ASP B 117 -8.08 -26.67 20.90
C ASP B 117 -8.00 -26.69 22.41
N ILE B 118 -6.93 -27.29 22.94
CA ILE B 118 -6.69 -27.32 24.39
C ILE B 118 -6.78 -25.93 24.99
N THR B 119 -6.21 -24.95 24.29
CA THR B 119 -6.10 -23.61 24.82
C THR B 119 -7.49 -22.94 24.89
N LYS B 120 -8.31 -23.11 23.84
CA LYS B 120 -9.69 -22.58 23.84
C LYS B 120 -10.62 -23.37 24.77
N LYS B 121 -10.31 -24.65 24.97
CA LYS B 121 -10.95 -25.46 26.02
C LYS B 121 -10.65 -24.87 27.41
N VAL B 122 -9.37 -24.64 27.71
CA VAL B 122 -8.95 -24.13 29.03
C VAL B 122 -9.56 -22.76 29.36
N THR B 123 -9.60 -21.85 28.40
CA THR B 123 -10.20 -20.53 28.62
C THR B 123 -11.68 -20.67 28.96
N ALA B 124 -12.39 -21.51 28.21
CA ALA B 124 -13.83 -21.70 28.41
C ALA B 124 -14.14 -22.42 29.71
N GLU B 125 -13.59 -23.62 29.88
CA GLU B 125 -13.92 -24.46 31.04
C GLU B 125 -13.31 -24.00 32.36
N LEU B 126 -12.04 -23.58 32.32
CA LEU B 126 -11.30 -23.21 33.54
C LEU B 126 -11.35 -21.71 33.90
N GLY B 127 -11.80 -20.85 32.97
CA GLY B 127 -11.95 -19.42 33.27
C GLY B 127 -13.18 -18.74 32.68
N GLY B 128 -14.19 -19.51 32.25
CA GLY B 128 -15.47 -18.98 31.73
C GLY B 128 -15.38 -17.94 30.62
N GLY B 129 -14.38 -18.12 29.74
CA GLY B 129 -14.10 -17.14 28.68
C GLY B 129 -13.02 -16.09 29.00
N ASP B 130 -12.75 -15.86 30.28
CA ASP B 130 -11.72 -14.90 30.69
C ASP B 130 -10.34 -15.53 30.51
N SER B 131 -9.64 -15.18 29.43
CA SER B 131 -8.31 -15.75 29.13
C SER B 131 -7.19 -15.22 30.05
N MET B 132 -7.45 -14.12 30.77
CA MET B 132 -6.52 -13.58 31.78
C MET B 132 -6.79 -14.11 33.20
N PHE B 133 -7.66 -15.12 33.35
CA PHE B 133 -8.03 -15.65 34.67
C PHE B 133 -6.84 -16.06 35.57
N ALA B 134 -5.78 -16.59 34.97
CA ALA B 134 -4.59 -17.05 35.72
C ALA B 134 -3.44 -16.05 35.70
N SER B 135 -3.64 -14.91 35.04
CA SER B 135 -2.58 -13.92 34.82
C SER B 135 -2.08 -13.20 36.07
N LYS B 136 -2.82 -13.30 37.18
CA LYS B 136 -2.35 -12.75 38.45
C LYS B 136 -1.36 -13.68 39.16
N ILE B 137 -1.33 -14.94 38.74
CA ILE B 137 -0.38 -15.94 39.24
C ILE B 137 0.80 -16.09 38.26
N THR B 138 0.50 -16.32 36.98
CA THR B 138 1.53 -16.58 35.96
C THR B 138 2.12 -15.36 35.24
N GLY B 139 1.36 -14.26 35.22
CA GLY B 139 1.68 -13.06 34.44
C GLY B 139 1.31 -13.16 32.98
N LEU B 140 0.59 -14.23 32.61
CA LEU B 140 0.37 -14.61 31.22
C LEU B 140 -1.11 -14.80 30.91
N PRO B 141 -1.51 -14.61 29.63
CA PRO B 141 -2.82 -15.06 29.17
C PRO B 141 -2.77 -16.51 28.71
N VAL B 142 -3.94 -17.08 28.46
CA VAL B 142 -4.03 -18.40 27.86
C VAL B 142 -3.66 -18.25 26.40
N SER B 143 -2.61 -18.94 25.97
CA SER B 143 -2.13 -18.88 24.60
C SER B 143 -1.50 -20.20 24.24
N THR B 144 -1.29 -20.42 22.96
CA THR B 144 -0.71 -21.66 22.47
C THR B 144 0.79 -21.79 22.78
N TYR B 145 1.43 -20.68 23.15
CA TYR B 145 2.90 -20.64 23.27
C TYR B 145 3.40 -21.41 24.47
N PHE B 146 2.78 -21.19 25.62
CA PHE B 146 3.36 -21.57 26.91
C PHE B 146 3.34 -23.09 27.18
N ALA B 147 4.32 -23.55 27.95
CA ALA B 147 4.71 -24.96 28.03
C ALA B 147 3.63 -25.91 28.54
N ALA B 148 2.92 -25.50 29.58
CA ALA B 148 1.88 -26.34 30.19
C ALA B 148 0.87 -26.88 29.21
N PHE B 149 0.53 -26.08 28.20
CA PHE B 149 -0.44 -26.49 27.19
C PHE B 149 0.17 -27.52 26.24
N LYS B 150 1.48 -27.42 26.01
CA LYS B 150 2.21 -28.41 25.21
C LYS B 150 2.41 -29.69 26.01
N MET B 151 2.58 -29.56 27.33
CA MET B 151 2.66 -30.72 28.23
C MET B 151 1.35 -31.49 28.21
N ARG B 152 0.25 -30.76 28.47
CA ARG B 152 -1.11 -31.30 28.41
C ARG B 152 -1.32 -32.06 27.12
N TRP B 153 -1.09 -31.39 26.00
CA TRP B 153 -1.30 -31.99 24.69
C TRP B 153 -0.61 -33.34 24.54
N MET B 154 0.63 -33.45 25.00
CA MET B 154 1.41 -34.68 24.83
C MET B 154 0.81 -35.81 25.67
N LEU B 155 0.57 -35.55 26.96
CA LEU B 155 -0.17 -36.51 27.82
C LEU B 155 -1.41 -37.09 27.08
N GLU B 156 -2.23 -36.20 26.54
CA GLU B 156 -3.51 -36.60 25.94
C GLU B 156 -3.46 -37.04 24.47
N ASN B 157 -2.31 -36.91 23.81
CA ASN B 157 -2.15 -37.38 22.42
C ASN B 157 -1.01 -38.37 22.19
N VAL B 158 -0.15 -38.56 23.19
CA VAL B 158 1.03 -39.40 23.04
C VAL B 158 0.94 -40.46 24.16
N PRO B 159 0.45 -41.68 23.82
CA PRO B 159 0.37 -42.78 24.79
C PRO B 159 1.69 -43.04 25.51
N ALA B 160 2.82 -42.91 24.79
CA ALA B 160 4.15 -43.02 25.38
C ALA B 160 4.37 -42.06 26.56
N VAL B 161 3.87 -40.83 26.41
CA VAL B 161 4.00 -39.81 27.46
C VAL B 161 3.04 -40.11 28.61
N ALA B 162 1.80 -40.47 28.28
CA ALA B 162 0.81 -40.92 29.28
C ALA B 162 1.33 -42.12 30.07
N ASP B 163 1.82 -43.14 29.35
CA ASP B 163 2.52 -44.28 29.94
C ASP B 163 3.49 -43.86 31.04
N ALA B 164 4.50 -43.09 30.64
CA ALA B 164 5.62 -42.76 31.49
C ALA B 164 5.19 -42.04 32.76
N CYS B 165 4.19 -41.17 32.63
CA CYS B 165 3.67 -40.44 33.80
C CYS B 165 3.29 -41.39 34.94
N ARG B 166 2.58 -42.46 34.60
CA ARG B 166 2.10 -43.48 35.56
C ARG B 166 3.17 -44.00 36.53
N ARG B 167 4.33 -44.38 35.98
CA ARG B 167 5.43 -44.97 36.76
C ARG B 167 6.09 -43.97 37.72
N GLY B 168 6.18 -42.72 37.28
CA GLY B 168 7.08 -41.75 37.88
C GLY B 168 8.45 -41.80 37.21
N THR B 169 8.44 -41.91 35.87
CA THR B 169 9.66 -41.80 35.06
C THR B 169 9.70 -40.51 34.23
N LEU B 170 8.54 -40.04 33.76
CA LEU B 170 8.45 -38.86 32.88
C LEU B 170 9.02 -37.56 33.45
N CYS B 171 9.80 -36.89 32.62
CA CYS B 171 10.28 -35.54 32.87
C CYS B 171 9.81 -34.62 31.74
N PHE B 172 9.04 -33.59 32.10
CA PHE B 172 8.82 -32.47 31.19
C PHE B 172 9.89 -31.42 31.47
N GLY B 173 10.33 -30.72 30.42
CA GLY B 173 11.29 -29.65 30.57
C GLY B 173 11.41 -28.78 29.35
N THR B 174 11.62 -27.49 29.57
CA THR B 174 11.94 -26.55 28.50
C THR B 174 13.38 -26.80 28.10
N ILE B 175 13.81 -26.20 26.99
CA ILE B 175 15.10 -26.55 26.35
C ILE B 175 16.29 -26.40 27.29
N ASP B 176 16.31 -25.36 28.13
CA ASP B 176 17.32 -25.23 29.20
C ASP B 176 17.41 -26.49 30.05
N THR B 177 16.25 -26.99 30.48
CA THR B 177 16.18 -28.11 31.40
C THR B 177 16.66 -29.35 30.69
N TRP B 178 16.09 -29.59 29.50
CA TRP B 178 16.52 -30.69 28.64
C TRP B 178 18.04 -30.72 28.41
N LEU B 179 18.60 -29.55 28.10
CA LEU B 179 19.99 -29.44 27.70
C LEU B 179 20.89 -29.68 28.93
N MET B 180 20.54 -29.06 30.05
CA MET B 180 21.29 -29.29 31.30
C MET B 180 21.17 -30.71 31.84
N TYR B 181 20.09 -31.42 31.51
CA TYR B 181 19.90 -32.82 31.92
C TYR B 181 20.88 -33.70 31.17
N LYS B 182 20.81 -33.68 29.84
CA LYS B 182 21.65 -34.54 29.01
C LYS B 182 23.14 -34.17 29.04
N LEU B 183 23.46 -32.89 29.31
CA LEU B 183 24.85 -32.48 29.49
C LEU B 183 25.46 -33.02 30.78
N SER B 184 24.62 -33.26 31.78
CA SER B 184 25.03 -33.87 33.05
C SER B 184 25.17 -35.39 32.98
N GLY B 185 24.76 -36.00 31.87
CA GLY B 185 24.59 -37.45 31.79
C GLY B 185 23.34 -37.91 32.53
N GLY B 186 22.35 -37.04 32.61
CA GLY B 186 21.14 -37.31 33.38
C GLY B 186 21.25 -37.14 34.89
N LYS B 187 22.31 -36.47 35.37
CA LYS B 187 22.52 -36.23 36.80
C LYS B 187 21.96 -34.89 37.30
N ALA B 188 21.19 -34.17 36.49
CA ALA B 188 20.67 -32.86 36.87
C ALA B 188 19.31 -32.59 36.26
N PHE B 189 18.42 -32.01 37.06
CA PHE B 189 17.05 -31.78 36.63
C PHE B 189 16.60 -30.43 37.19
N VAL B 190 16.80 -29.40 36.38
CA VAL B 190 16.63 -28.01 36.81
C VAL B 190 16.15 -27.10 35.68
N THR B 191 15.40 -26.06 36.06
CA THR B 191 15.08 -24.96 35.17
C THR B 191 15.46 -23.68 35.91
N ASP B 192 15.60 -22.59 35.16
CA ASP B 192 15.93 -21.28 35.73
C ASP B 192 14.66 -20.42 35.75
N VAL B 193 14.66 -19.37 36.56
CA VAL B 193 13.45 -18.54 36.75
C VAL B 193 12.81 -18.00 35.47
N THR B 194 13.62 -17.58 34.49
CA THR B 194 13.09 -16.99 33.25
C THR B 194 12.34 -18.04 32.44
N ASN B 195 13.00 -19.13 32.13
CA ASN B 195 12.33 -20.25 31.50
C ASN B 195 11.04 -20.73 32.21
N ALA B 196 11.16 -21.07 33.50
CA ALA B 196 10.01 -21.44 34.35
C ALA B 196 8.77 -20.54 34.19
N SER B 197 9.01 -19.24 34.04
CA SER B 197 7.94 -18.23 33.90
C SER B 197 7.21 -18.24 32.57
N ARG B 198 7.56 -19.18 31.68
CA ARG B 198 6.92 -19.33 30.40
C ARG B 198 6.15 -20.63 30.33
N THR B 199 5.99 -21.30 31.48
CA THR B 199 5.27 -22.57 31.54
C THR B 199 3.76 -22.41 31.68
N PHE B 200 3.32 -21.32 32.31
CA PHE B 200 1.94 -21.17 32.82
C PHE B 200 1.71 -22.03 34.09
N LEU B 201 2.79 -22.52 34.71
CA LEU B 201 2.72 -23.33 35.94
C LEU B 201 3.53 -22.72 37.08
N MET B 202 4.06 -21.51 36.90
CA MET B 202 4.85 -20.86 37.93
C MET B 202 4.09 -19.67 38.46
N ASP B 203 4.13 -19.51 39.78
CA ASP B 203 3.60 -18.33 40.42
C ASP B 203 4.69 -17.26 40.31
N LEU B 204 4.36 -16.14 39.66
CA LEU B 204 5.33 -15.08 39.43
C LEU B 204 5.98 -14.59 40.71
N ARG B 205 5.15 -14.35 41.72
CA ARG B 205 5.56 -13.60 42.92
C ARG B 205 6.41 -14.46 43.85
N THR B 206 6.09 -15.75 43.90
CA THR B 206 6.86 -16.70 44.71
C THR B 206 7.99 -17.33 43.91
N ARG B 207 7.80 -17.48 42.60
CA ARG B 207 8.72 -18.17 41.70
C ARG B 207 8.89 -19.62 42.09
N LYS B 208 7.75 -20.24 42.35
CA LYS B 208 7.68 -21.67 42.60
C LYS B 208 6.49 -22.18 41.82
N TRP B 209 6.48 -23.47 41.53
CA TRP B 209 5.34 -24.08 40.89
C TRP B 209 4.10 -23.87 41.79
N SER B 210 3.01 -23.37 41.22
CA SER B 210 1.77 -23.17 42.00
C SER B 210 0.99 -24.47 41.87
N PRO B 211 0.71 -25.17 43.01
CA PRO B 211 -0.03 -26.45 42.99
C PRO B 211 -1.44 -26.34 42.42
N GLU B 212 -2.10 -25.21 42.68
CA GLU B 212 -3.42 -24.91 42.13
C GLU B 212 -3.41 -25.15 40.63
N LEU B 213 -2.57 -24.40 39.91
CA LEU B 213 -2.48 -24.47 38.44
C LEU B 213 -2.04 -25.83 37.88
N CYS B 214 -1.07 -26.47 38.52
CA CYS B 214 -0.68 -27.84 38.17
C CYS B 214 -1.87 -28.82 38.22
N GLU B 215 -2.67 -28.71 39.28
CA GLU B 215 -3.85 -29.56 39.48
C GLU B 215 -4.99 -29.12 38.56
N LYS B 216 -5.32 -27.83 38.59
CA LYS B 216 -6.32 -27.24 37.68
C LYS B 216 -6.12 -27.74 36.25
N LEU B 217 -4.88 -27.70 35.78
CA LEU B 217 -4.49 -28.16 34.42
C LEU B 217 -4.11 -29.64 34.32
N LYS B 218 -3.92 -30.32 35.45
CA LYS B 218 -3.62 -31.74 35.49
C LYS B 218 -2.29 -32.03 34.74
N ILE B 219 -1.25 -31.32 35.19
CA ILE B 219 0.14 -31.68 34.93
C ILE B 219 0.66 -32.02 36.33
N PRO B 220 1.14 -33.25 36.55
CA PRO B 220 1.63 -33.57 37.91
C PRO B 220 2.95 -32.89 38.26
N MET B 221 3.02 -32.29 39.45
CA MET B 221 4.23 -31.59 39.93
C MET B 221 5.54 -32.42 39.99
N GLU B 222 5.47 -33.73 39.77
CA GLU B 222 6.66 -34.62 39.76
C GLU B 222 7.32 -34.75 38.38
N THR B 223 6.61 -34.39 37.31
CA THR B 223 7.22 -34.27 35.98
C THR B 223 8.09 -33.02 35.82
N LEU B 224 7.93 -32.03 36.70
CA LEU B 224 8.57 -30.74 36.56
C LEU B 224 9.89 -30.71 37.34
N PRO B 225 10.88 -29.91 36.88
CA PRO B 225 12.16 -29.83 37.58
C PRO B 225 12.17 -28.71 38.61
N GLU B 226 13.34 -28.48 39.20
CA GLU B 226 13.50 -27.48 40.23
C GLU B 226 13.87 -26.12 39.64
N ILE B 227 12.98 -25.16 39.83
CA ILE B 227 13.27 -23.76 39.55
C ILE B 227 14.49 -23.33 40.36
N ARG B 228 15.45 -22.72 39.69
CA ARG B 228 16.62 -22.13 40.34
C ARG B 228 16.84 -20.73 39.73
N SER B 229 17.91 -20.03 40.07
CA SER B 229 18.19 -18.72 39.46
C SER B 229 18.85 -18.87 38.07
N ASN B 230 19.23 -17.74 37.48
CA ASN B 230 20.00 -17.75 36.22
C ASN B 230 21.52 -17.91 36.35
N SER B 231 22.08 -17.62 37.53
CA SER B 231 23.54 -17.61 37.73
C SER B 231 23.97 -18.37 39.01
N GLU B 232 24.43 -19.61 38.83
CA GLU B 232 24.83 -20.54 39.92
C GLU B 232 25.02 -21.98 39.43
N LEU B 233 25.81 -22.77 40.17
CA LEU B 233 26.19 -24.13 39.78
C LEU B 233 24.99 -25.08 39.60
N PHE B 234 24.64 -25.35 38.35
CA PHE B 234 23.60 -26.33 38.01
C PHE B 234 24.16 -27.75 37.91
N GLY B 235 25.48 -27.87 37.73
CA GLY B 235 26.11 -29.16 37.48
C GLY B 235 27.37 -29.03 36.68
N TYR B 236 27.80 -30.16 36.12
CA TYR B 236 29.02 -30.28 35.33
C TYR B 236 28.71 -31.00 34.02
N VAL B 237 29.55 -30.78 33.01
CA VAL B 237 29.44 -31.46 31.73
C VAL B 237 30.01 -32.88 31.91
N GLU B 238 29.13 -33.88 31.88
CA GLU B 238 29.52 -35.29 32.00
C GLU B 238 28.91 -36.09 30.85
N THR B 239 29.55 -35.97 29.70
CA THR B 239 29.14 -36.63 28.47
C THR B 239 30.25 -36.43 27.46
N ASP B 240 30.43 -37.39 26.55
CA ASP B 240 31.40 -37.23 25.47
C ASP B 240 30.70 -37.28 24.10
N GLU B 241 29.43 -36.87 24.08
CA GLU B 241 28.50 -37.13 22.96
C GLU B 241 29.07 -36.83 21.56
N CYS B 242 29.86 -35.77 21.43
CA CYS B 242 30.58 -35.50 20.17
C CYS B 242 32.02 -35.10 20.46
N GLY B 243 32.66 -35.87 21.35
CA GLY B 243 34.00 -35.56 21.83
C GLY B 243 34.09 -34.28 22.63
N VAL B 244 33.01 -33.96 23.35
CA VAL B 244 32.89 -32.68 24.04
C VAL B 244 33.73 -32.63 25.33
N ALA B 245 33.72 -33.71 26.12
CA ALA B 245 34.56 -33.80 27.33
C ALA B 245 36.06 -33.85 26.98
N ALA B 246 36.40 -34.53 25.90
CA ALA B 246 37.76 -34.52 25.36
C ALA B 246 38.18 -33.09 25.02
N ALA B 247 37.34 -32.38 24.28
CA ALA B 247 37.58 -30.96 23.92
C ALA B 247 37.69 -30.05 25.14
N LEU B 248 36.71 -30.15 26.04
CA LEU B 248 36.70 -29.37 27.29
C LEU B 248 37.93 -29.65 28.13
N ASN B 249 38.41 -30.90 28.11
CA ASN B 249 39.67 -31.31 28.77
C ASN B 249 39.65 -31.37 30.30
N GLU B 250 39.02 -30.40 30.96
CA GLU B 250 38.90 -30.40 32.43
C GLU B 250 37.43 -30.33 32.87
N ARG B 251 37.20 -30.40 34.18
CA ARG B 251 35.85 -30.33 34.77
C ARG B 251 35.28 -28.96 34.43
N THR B 252 34.22 -28.93 33.62
CA THR B 252 33.63 -27.66 33.20
C THR B 252 32.20 -27.54 33.74
N PRO B 253 31.97 -26.62 34.70
CA PRO B 253 30.65 -26.49 35.29
C PRO B 253 29.68 -25.68 34.45
N ILE B 254 28.44 -26.16 34.36
CA ILE B 254 27.33 -25.38 33.84
C ILE B 254 26.90 -24.46 34.98
N MET B 255 27.08 -23.15 34.79
CA MET B 255 26.78 -22.16 35.82
C MET B 255 25.94 -20.98 35.32
N GLY B 256 25.32 -21.14 34.15
CA GLY B 256 24.42 -20.13 33.56
C GLY B 256 23.30 -20.77 32.73
N SER B 257 22.11 -20.23 32.88
CA SER B 257 20.94 -20.73 32.17
C SER B 257 19.89 -19.63 32.13
N ILE B 258 19.39 -19.29 30.94
CA ILE B 258 18.45 -18.15 30.78
C ILE B 258 17.78 -18.13 29.40
N GLY B 259 16.48 -17.83 29.38
CA GLY B 259 15.71 -17.80 28.13
C GLY B 259 16.26 -16.72 27.22
N ASP B 260 16.27 -16.98 25.92
CA ASP B 260 16.97 -16.09 24.98
C ASP B 260 16.61 -14.62 25.12
N GLN B 261 15.32 -14.30 25.17
CA GLN B 261 14.90 -12.90 25.24
C GLN B 261 15.38 -12.21 26.50
N GLN B 262 15.37 -12.94 27.61
CA GLN B 262 15.90 -12.43 28.86
C GLN B 262 17.43 -12.41 28.81
N SER B 263 18.01 -13.39 28.10
CA SER B 263 19.45 -13.43 27.88
C SER B 263 19.91 -12.17 27.12
N ALA B 264 19.06 -11.66 26.22
CA ALA B 264 19.32 -10.43 25.49
C ALA B 264 19.27 -9.22 26.44
N LEU B 265 18.21 -9.16 27.25
CA LEU B 265 18.07 -8.15 28.30
C LEU B 265 19.30 -8.09 29.21
N PHE B 266 19.79 -9.26 29.60
CA PHE B 266 20.95 -9.35 30.48
C PHE B 266 22.26 -9.00 29.76
N GLY B 267 22.42 -9.49 28.54
CA GLY B 267 23.60 -9.22 27.71
C GLY B 267 23.67 -7.77 27.25
N ASN B 268 22.50 -7.13 27.18
CA ASN B 268 22.42 -5.69 26.90
C ASN B 268 22.55 -4.78 28.12
N MET B 269 22.99 -5.33 29.26
CA MET B 269 23.29 -4.56 30.47
C MET B 269 22.09 -3.79 31.00
N CYS B 270 20.89 -4.34 30.80
CA CYS B 270 19.64 -3.71 31.23
C CYS B 270 19.33 -4.11 32.68
N PHE B 271 20.13 -3.61 33.61
CA PHE B 271 20.08 -4.02 35.01
C PHE B 271 19.21 -3.13 35.89
N GLU B 272 19.13 -1.83 35.57
CA GLU B 272 18.23 -0.92 36.31
C GLU B 272 16.82 -1.00 35.77
N LYS B 273 15.85 -0.70 36.65
CA LYS B 273 14.46 -0.49 36.22
C LYS B 273 14.35 0.62 35.18
N GLY B 274 13.41 0.46 34.23
CA GLY B 274 13.24 1.41 33.12
C GLY B 274 14.13 1.19 31.89
N GLU B 275 15.01 0.17 31.92
CA GLU B 275 15.94 -0.10 30.82
C GLU B 275 15.43 -1.23 29.94
N ALA B 276 15.08 -0.90 28.70
CA ALA B 276 14.55 -1.86 27.72
C ALA B 276 15.61 -2.35 26.73
N LYS B 277 15.38 -3.56 26.18
CA LYS B 277 16.05 -4.00 24.95
C LYS B 277 14.96 -4.38 23.94
N ASN B 278 15.21 -4.09 22.66
CA ASN B 278 14.40 -4.62 21.57
C ASN B 278 15.28 -5.44 20.66
N THR B 279 14.77 -6.57 20.20
CA THR B 279 15.43 -7.35 19.15
C THR B 279 14.66 -7.16 17.86
N TYR B 280 15.34 -6.63 16.85
CA TYR B 280 14.78 -6.47 15.52
C TYR B 280 15.20 -7.66 14.62
N GLY B 281 14.44 -8.75 14.73
CA GLY B 281 14.59 -9.92 13.87
C GLY B 281 13.43 -10.01 12.89
N THR B 282 12.88 -11.21 12.73
CA THR B 282 11.71 -11.44 11.84
C THR B 282 10.53 -10.62 12.32
N GLY B 283 10.25 -10.79 13.61
CA GLY B 283 9.36 -9.94 14.37
C GLY B 283 10.21 -9.26 15.41
N CYS B 284 9.56 -8.79 16.47
CA CYS B 284 10.22 -8.06 17.56
C CYS B 284 9.85 -8.62 18.92
N PHE B 285 10.82 -8.58 19.82
CA PHE B 285 10.60 -8.84 21.24
C PHE B 285 11.17 -7.67 22.01
N LEU B 286 10.28 -6.85 22.58
CA LEU B 286 10.67 -5.75 23.45
C LEU B 286 10.51 -6.15 24.92
N LEU B 287 11.61 -6.14 25.68
CA LEU B 287 11.59 -6.38 27.13
C LEU B 287 12.14 -5.18 27.95
N MET B 288 11.27 -4.56 28.76
CA MET B 288 11.68 -3.58 29.77
C MET B 288 11.92 -4.26 31.12
N ASN B 289 13.02 -3.93 31.77
CA ASN B 289 13.26 -4.25 33.18
C ASN B 289 12.38 -3.34 34.07
N VAL B 290 11.47 -3.92 34.84
CA VAL B 290 10.53 -3.14 35.68
C VAL B 290 10.95 -2.97 37.14
N GLY B 291 11.87 -3.80 37.64
CA GLY B 291 12.39 -3.68 39.00
C GLY B 291 12.14 -4.94 39.79
N GLU B 292 12.31 -4.85 41.10
CA GLU B 292 12.32 -6.03 41.98
C GLU B 292 10.92 -6.54 42.33
N GLU B 293 9.88 -5.74 42.05
CA GLU B 293 8.49 -6.17 42.22
C GLU B 293 7.86 -6.43 40.85
N ALA B 294 7.20 -7.58 40.72
CA ALA B 294 6.44 -7.90 39.51
C ALA B 294 5.42 -6.82 39.26
N ARG B 295 5.26 -6.47 37.99
CA ARG B 295 4.24 -5.52 37.60
C ARG B 295 3.38 -6.21 36.56
N PHE B 296 2.11 -6.39 36.91
CA PHE B 296 1.12 -7.03 36.05
C PHE B 296 0.58 -6.05 35.00
N SER B 297 0.02 -6.61 33.92
CA SER B 297 -0.32 -5.84 32.74
C SER B 297 -1.82 -5.72 32.58
N LYS B 298 -2.30 -4.48 32.52
CA LYS B 298 -3.67 -4.20 32.10
C LYS B 298 -3.69 -3.55 30.70
N HIS B 299 -2.63 -3.78 29.92
CA HIS B 299 -2.50 -3.17 28.59
C HIS B 299 -1.95 -4.14 27.52
N GLY B 300 -2.23 -5.44 27.67
CA GLY B 300 -1.86 -6.45 26.67
C GLY B 300 -0.48 -7.12 26.75
N LEU B 301 0.38 -6.68 27.67
CA LEU B 301 1.76 -7.20 27.72
C LEU B 301 1.83 -8.45 28.58
N LEU B 302 2.97 -9.12 28.53
CA LEU B 302 3.25 -10.24 29.42
C LEU B 302 4.10 -9.80 30.59
N SER B 303 3.76 -10.31 31.78
CA SER B 303 4.57 -10.09 32.98
C SER B 303 5.41 -11.33 33.17
N THR B 304 6.71 -11.13 33.32
CA THR B 304 7.69 -12.23 33.25
C THR B 304 8.88 -11.91 34.14
N VAL B 305 9.70 -12.91 34.39
CA VAL B 305 10.94 -12.71 35.12
C VAL B 305 11.94 -12.09 34.15
N GLY B 306 12.59 -11.03 34.58
CA GLY B 306 13.66 -10.42 33.80
C GLY B 306 14.89 -11.28 33.99
N PHE B 307 15.36 -11.35 35.24
CA PHE B 307 16.50 -12.18 35.64
C PHE B 307 16.72 -12.19 37.15
N GLN B 308 17.59 -13.10 37.60
CA GLN B 308 17.96 -13.26 39.00
C GLN B 308 19.39 -13.83 39.07
N VAL B 309 20.32 -13.03 39.57
CA VAL B 309 21.73 -13.41 39.61
C VAL B 309 22.08 -13.88 41.02
N GLY B 310 22.27 -15.20 41.15
CA GLY B 310 22.49 -15.85 42.44
C GLY B 310 21.17 -16.41 42.94
N ARG B 311 21.23 -17.62 43.51
CA ARG B 311 20.06 -18.20 44.19
C ARG B 311 19.73 -17.31 45.39
N ASP B 312 18.45 -16.97 45.53
CA ASP B 312 17.96 -16.07 46.57
C ASP B 312 18.43 -14.59 46.45
N GLY B 313 19.47 -14.33 45.65
CA GLY B 313 19.80 -12.96 45.22
C GLY B 313 18.60 -12.33 44.55
N PRO B 314 18.57 -10.99 44.47
CA PRO B 314 17.34 -10.33 44.03
C PRO B 314 16.88 -10.76 42.63
N CYS B 315 15.57 -10.84 42.46
CA CYS B 315 14.95 -11.19 41.20
C CYS B 315 14.36 -9.92 40.61
N TYR B 316 14.92 -9.49 39.47
CA TYR B 316 14.37 -8.36 38.71
C TYR B 316 13.32 -8.87 37.72
N TYR B 317 12.13 -8.26 37.75
CA TYR B 317 10.99 -8.64 36.88
C TYR B 317 11.01 -7.84 35.58
N ALA B 318 10.14 -8.20 34.64
CA ALA B 318 10.09 -7.56 33.32
C ALA B 318 8.71 -7.58 32.68
N LEU B 319 8.48 -6.63 31.79
CA LEU B 319 7.31 -6.64 30.92
C LEU B 319 7.80 -7.01 29.53
N GLU B 320 6.95 -7.71 28.77
CA GLU B 320 7.32 -8.19 27.44
C GLU B 320 6.20 -7.95 26.42
N GLY B 321 6.54 -7.32 25.30
CA GLY B 321 5.65 -7.18 24.14
C GLY B 321 6.32 -7.73 22.90
N ALA B 322 5.53 -8.19 21.94
CA ALA B 322 6.05 -8.66 20.65
C ALA B 322 5.32 -8.04 19.47
N ILE B 323 6.01 -7.91 18.34
CA ILE B 323 5.34 -7.64 17.06
C ILE B 323 5.76 -8.75 16.09
N ALA B 324 4.86 -9.11 15.18
CA ALA B 324 5.04 -10.28 14.32
C ALA B 324 5.90 -9.99 13.09
N CYS B 325 5.56 -8.92 12.38
CA CYS B 325 6.20 -8.60 11.10
C CYS B 325 7.09 -7.36 11.15
N ALA B 326 8.36 -7.58 11.49
CA ALA B 326 9.39 -6.55 11.46
C ALA B 326 10.31 -6.87 10.29
N GLY B 327 11.26 -7.78 10.47
CA GLY B 327 12.05 -8.30 9.35
C GLY B 327 11.16 -8.83 8.23
N ALA B 328 10.07 -9.48 8.61
CA ALA B 328 9.16 -10.09 7.65
C ALA B 328 8.60 -9.10 6.64
N THR B 329 8.22 -7.92 7.12
CA THR B 329 7.75 -6.82 6.26
C THR B 329 8.80 -6.38 5.24
N VAL B 330 10.05 -6.26 5.69
CA VAL B 330 11.15 -5.84 4.81
C VAL B 330 11.25 -6.84 3.66
N GLU B 331 11.39 -8.12 4.01
CA GLU B 331 11.39 -9.23 3.06
C GLU B 331 10.22 -9.23 2.08
N TRP B 332 9.02 -9.06 2.61
CA TRP B 332 7.81 -9.01 1.80
C TRP B 332 7.87 -7.88 0.75
N MET B 333 8.26 -6.69 1.18
CA MET B 333 8.51 -5.59 0.24
C MET B 333 9.49 -5.99 -0.89
N ARG B 334 10.52 -6.75 -0.55
CA ARG B 334 11.48 -7.27 -1.54
C ARG B 334 10.90 -8.40 -2.40
N ARG B 335 10.63 -9.57 -1.82
CA ARG B 335 10.28 -10.76 -2.64
C ARG B 335 8.89 -10.70 -3.26
N ASN B 336 7.89 -10.30 -2.48
CA ASN B 336 6.51 -10.23 -2.98
C ASN B 336 6.21 -9.01 -3.86
N MET B 337 6.81 -7.87 -3.53
CA MET B 337 6.41 -6.59 -4.13
C MET B 337 7.44 -5.92 -5.07
N ASN B 338 8.69 -6.38 -5.08
CA ASN B 338 9.71 -5.86 -6.00
C ASN B 338 10.17 -4.41 -5.73
N LEU B 339 10.04 -3.95 -4.49
CA LEU B 339 10.30 -2.54 -4.16
C LEU B 339 11.79 -2.22 -4.10
N PHE B 340 12.59 -3.22 -3.72
CA PHE B 340 14.05 -3.16 -3.86
C PHE B 340 14.56 -4.59 -4.07
N SER B 341 15.87 -4.77 -4.21
CA SER B 341 16.47 -6.11 -4.38
C SER B 341 17.58 -6.39 -3.37
N HIS B 342 18.61 -5.55 -3.34
CA HIS B 342 19.68 -5.69 -2.33
C HIS B 342 19.29 -4.91 -1.06
N ILE B 343 19.11 -5.66 0.03
CA ILE B 343 18.97 -5.14 1.42
C ILE B 343 19.36 -3.68 1.72
N THR B 344 20.56 -3.26 1.30
CA THR B 344 21.03 -1.90 1.56
C THR B 344 20.16 -0.83 0.90
N GLU B 345 19.46 -1.19 -0.18
CA GLU B 345 18.53 -0.28 -0.86
C GLU B 345 17.36 0.12 0.01
N CYS B 346 16.83 -0.84 0.78
CA CYS B 346 15.74 -0.59 1.72
C CYS B 346 15.94 0.73 2.45
N GLU B 347 17.10 0.87 3.08
CA GLU B 347 17.43 2.07 3.87
C GLU B 347 17.71 3.30 3.02
N LYS B 348 18.48 3.16 1.94
CA LYS B 348 18.83 4.30 1.08
C LYS B 348 17.57 4.83 0.34
N LEU B 349 16.68 3.92 -0.08
CA LEU B 349 15.37 4.31 -0.64
C LEU B 349 14.52 5.07 0.38
N ALA B 350 14.62 4.67 1.65
CA ALA B 350 13.86 5.32 2.71
C ALA B 350 14.44 6.70 3.01
N ARG B 351 15.76 6.80 3.08
CA ARG B 351 16.48 8.07 3.30
C ARG B 351 16.26 9.11 2.19
N SER B 352 16.00 8.65 0.98
CA SER B 352 15.88 9.53 -0.18
C SER B 352 14.59 10.35 -0.25
N VAL B 353 13.66 10.14 0.68
CA VAL B 353 12.50 11.03 0.85
C VAL B 353 12.44 11.58 2.28
N PRO B 354 12.01 12.83 2.44
CA PRO B 354 12.15 13.49 3.73
C PRO B 354 11.12 13.03 4.77
N GLY B 355 10.10 12.30 4.32
CA GLY B 355 9.10 11.73 5.22
C GLY B 355 8.14 10.88 4.42
N THR B 356 7.08 10.44 5.06
CA THR B 356 6.08 9.59 4.44
C THR B 356 4.97 10.40 3.77
N GLN B 357 5.00 11.72 3.93
CA GLN B 357 4.09 12.66 3.25
C GLN B 357 2.59 12.33 3.42
N GLY B 358 2.23 11.72 4.55
CA GLY B 358 0.84 11.44 4.89
C GLY B 358 0.32 10.02 4.71
N ILE B 359 1.12 9.11 4.12
CA ILE B 359 0.71 7.71 4.01
C ILE B 359 1.05 6.97 5.28
N VAL B 360 0.21 6.00 5.63
CA VAL B 360 0.50 5.05 6.70
C VAL B 360 0.36 3.64 6.12
N PHE B 361 1.32 2.79 6.48
CA PHE B 361 1.36 1.39 6.07
C PHE B 361 1.37 0.56 7.36
N VAL B 362 0.21 0.08 7.77
CA VAL B 362 0.13 -0.86 8.90
C VAL B 362 0.37 -2.27 8.33
N PRO B 363 1.52 -2.91 8.69
CA PRO B 363 1.84 -4.21 8.15
C PRO B 363 1.45 -5.32 9.12
N ALA B 364 0.15 -5.47 9.33
CA ALA B 364 -0.43 -6.51 10.18
C ALA B 364 -0.90 -7.69 9.31
N PHE B 365 0.05 -8.19 8.51
CA PHE B 365 -0.18 -9.29 7.57
C PHE B 365 -0.73 -10.55 8.23
N SER B 366 -0.35 -10.79 9.47
CA SER B 366 -0.93 -11.85 10.30
C SER B 366 -1.42 -11.24 11.61
N GLY B 367 -2.15 -10.13 11.52
CA GLY B 367 -2.72 -9.44 12.69
C GLY B 367 -1.76 -8.72 13.64
N LEU B 368 -2.32 -7.83 14.45
CA LEU B 368 -1.58 -7.02 15.40
C LEU B 368 -1.42 -7.75 16.72
N LEU B 369 -0.18 -7.85 17.20
CA LEU B 369 0.13 -8.37 18.53
C LEU B 369 0.19 -7.14 19.47
N ALA B 370 1.25 -6.99 20.27
CA ALA B 370 1.57 -5.70 20.93
C ALA B 370 0.42 -5.32 21.92
N PRO B 371 0.12 -4.01 22.16
CA PRO B 371 -1.03 -3.85 23.08
C PRO B 371 -2.45 -4.04 22.53
N TYR B 372 -2.61 -4.25 21.23
CA TYR B 372 -3.94 -4.28 20.59
C TYR B 372 -4.06 -5.58 19.81
N TRP B 373 -4.27 -6.66 20.55
CA TRP B 373 -4.18 -8.02 20.03
C TRP B 373 -5.39 -8.33 19.16
N ASP B 374 -5.32 -7.92 17.89
CA ASP B 374 -6.42 -8.04 16.93
C ASP B 374 -5.98 -8.90 15.74
N PRO B 375 -6.40 -10.20 15.74
CA PRO B 375 -6.02 -11.11 14.65
C PRO B 375 -6.84 -10.94 13.36
N SER B 376 -7.90 -10.13 13.39
CA SER B 376 -8.60 -9.71 12.17
C SER B 376 -7.92 -8.52 11.45
N ALA B 377 -6.97 -7.85 12.11
CA ALA B 377 -6.18 -6.80 11.48
C ALA B 377 -5.41 -7.40 10.31
N ARG B 378 -5.36 -6.68 9.21
CA ARG B 378 -4.60 -7.11 8.05
C ARG B 378 -3.75 -5.97 7.54
N GLY B 379 -2.75 -6.33 6.74
CA GLY B 379 -1.86 -5.35 6.14
C GLY B 379 -2.64 -4.34 5.34
N THR B 380 -2.51 -3.05 5.69
CA THR B 380 -3.14 -1.98 4.90
C THR B 380 -2.21 -0.81 4.67
N ILE B 381 -2.53 -0.05 3.62
CA ILE B 381 -1.88 1.20 3.32
C ILE B 381 -2.99 2.23 3.09
N VAL B 382 -2.81 3.43 3.61
CA VAL B 382 -3.78 4.53 3.45
C VAL B 382 -3.05 5.82 3.16
N GLY B 383 -3.73 6.73 2.47
CA GLY B 383 -3.22 8.07 2.23
C GLY B 383 -2.39 8.28 0.98
N MET B 384 -2.30 7.27 0.12
CA MET B 384 -1.45 7.37 -1.08
C MET B 384 -2.03 8.34 -2.10
N THR B 385 -1.14 9.09 -2.77
CA THR B 385 -1.48 9.90 -3.95
C THR B 385 -0.55 9.49 -5.10
N LEU B 386 -0.68 10.17 -6.24
CA LEU B 386 0.26 9.99 -7.37
C LEU B 386 1.67 10.48 -7.05
N LYS B 387 1.83 11.33 -6.03
CA LYS B 387 3.18 11.68 -5.53
C LYS B 387 3.86 10.52 -4.79
N THR B 388 3.06 9.63 -4.19
CA THR B 388 3.57 8.49 -3.43
C THR B 388 4.41 7.57 -4.30
N THR B 389 5.44 6.97 -3.70
CA THR B 389 6.40 6.11 -4.40
C THR B 389 6.86 5.02 -3.45
N ARG B 390 7.51 4.01 -4.01
CA ARG B 390 8.10 2.92 -3.23
C ARG B 390 9.02 3.41 -2.12
N ALA B 391 9.67 4.56 -2.34
CA ALA B 391 10.51 5.18 -1.33
C ALA B 391 9.70 5.52 -0.08
N HIS B 392 8.58 6.20 -0.30
CA HIS B 392 7.66 6.59 0.77
C HIS B 392 7.09 5.37 1.51
N VAL B 393 6.75 4.33 0.75
CA VAL B 393 6.16 3.09 1.28
C VAL B 393 7.16 2.32 2.12
N ILE B 394 8.41 2.24 1.67
CA ILE B 394 9.45 1.58 2.46
C ILE B 394 9.63 2.34 3.75
N ARG B 395 9.68 3.67 3.68
CA ARG B 395 9.86 4.50 4.87
C ARG B 395 8.71 4.30 5.88
N ALA B 396 7.47 4.34 5.38
CA ALA B 396 6.28 4.06 6.21
C ALA B 396 6.30 2.70 6.90
N ALA B 397 6.86 1.69 6.25
CA ALA B 397 7.00 0.36 6.85
C ALA B 397 7.94 0.45 8.04
N LEU B 398 9.09 1.06 7.82
CA LEU B 398 10.07 1.29 8.88
C LEU B 398 9.45 2.10 10.02
N GLN B 399 8.66 3.12 9.67
CA GLN B 399 7.95 3.88 10.68
C GLN B 399 7.00 3.02 11.50
N ALA B 400 6.27 2.13 10.82
CA ALA B 400 5.29 1.24 11.47
C ALA B 400 5.92 0.39 12.57
N ILE B 401 7.12 -0.11 12.31
CA ILE B 401 7.81 -0.92 13.29
C ILE B 401 8.10 -0.11 14.57
N ALA B 402 8.66 1.10 14.40
CA ALA B 402 8.93 1.99 15.55
C ALA B 402 7.67 2.53 16.22
N LEU B 403 6.60 2.72 15.45
CA LEU B 403 5.32 3.18 15.99
C LEU B 403 4.63 2.15 16.87
N GLN B 404 4.77 0.87 16.55
CA GLN B 404 4.24 -0.19 17.40
C GLN B 404 5.07 -0.29 18.66
N LEU B 405 6.38 -0.33 18.49
CA LEU B 405 7.28 -0.38 19.63
C LEU B 405 7.05 0.81 20.55
N ASN B 406 6.66 1.95 19.98
CA ASN B 406 6.25 3.10 20.79
C ASN B 406 4.99 2.82 21.60
N ASP B 407 3.97 2.25 20.95
CA ASP B 407 2.76 1.81 21.65
C ASP B 407 3.03 0.71 22.70
N VAL B 408 3.99 -0.17 22.43
CA VAL B 408 4.40 -1.18 23.41
C VAL B 408 5.09 -0.52 24.60
N VAL B 409 6.07 0.34 24.33
CA VAL B 409 6.74 1.12 25.39
C VAL B 409 5.75 1.99 26.18
N GLY B 410 4.78 2.57 25.49
CA GLY B 410 3.70 3.32 26.14
C GLY B 410 2.95 2.43 27.12
N SER B 411 2.41 1.33 26.62
CA SER B 411 1.69 0.37 27.46
C SER B 411 2.54 -0.10 28.63
N MET B 412 3.80 -0.40 28.37
CA MET B 412 4.76 -0.78 29.41
C MET B 412 4.85 0.29 30.48
N LYS B 413 5.20 1.51 30.06
CA LYS B 413 5.32 2.67 30.97
C LYS B 413 4.15 2.74 31.94
N ARG B 414 2.92 2.68 31.42
CA ARG B 414 1.71 2.87 32.23
C ARG B 414 1.47 1.72 33.22
N ASP B 415 1.74 0.49 32.82
CA ASP B 415 1.73 -0.65 33.75
C ASP B 415 2.87 -0.53 34.77
N ALA B 416 4.04 -0.12 34.31
CA ALA B 416 5.25 -0.18 35.12
C ALA B 416 5.39 0.92 36.19
N GLY B 417 4.67 2.02 36.02
CA GLY B 417 4.81 3.18 36.91
C GLY B 417 6.14 3.91 36.81
N LEU B 418 6.87 3.69 35.72
CA LEU B 418 8.16 4.35 35.52
C LEU B 418 8.37 4.64 34.03
N ASN B 419 9.46 5.33 33.71
CA ASN B 419 9.70 5.83 32.34
C ASN B 419 10.76 4.96 31.69
N LEU B 420 10.73 4.90 30.36
CA LEU B 420 11.81 4.28 29.60
C LEU B 420 13.07 5.12 29.76
N SER B 421 14.17 4.47 30.16
CA SER B 421 15.45 5.12 30.46
C SER B 421 16.36 5.13 29.22
N SER B 422 16.77 3.96 28.76
CA SER B 422 17.43 3.79 27.46
C SER B 422 16.73 2.67 26.72
N LEU B 423 16.96 2.57 25.41
CA LEU B 423 16.60 1.38 24.65
C LEU B 423 17.81 0.81 23.92
N ARG B 424 18.33 -0.32 24.40
CA ARG B 424 19.37 -1.05 23.65
C ARG B 424 18.67 -1.81 22.52
N VAL B 425 19.40 -2.06 21.43
CA VAL B 425 18.84 -2.76 20.27
C VAL B 425 19.83 -3.80 19.75
N ASP B 426 19.29 -4.82 19.08
CA ASP B 426 20.09 -5.87 18.46
C ASP B 426 19.23 -6.60 17.45
N GLY B 427 19.83 -7.57 16.77
CA GLY B 427 19.08 -8.57 16.01
C GLY B 427 19.53 -8.74 14.58
N GLY B 428 19.26 -7.73 13.77
CA GLY B 428 19.54 -7.80 12.34
C GLY B 428 19.11 -6.51 11.70
N LEU B 429 17.83 -6.22 11.84
CA LEU B 429 17.28 -4.91 11.47
C LEU B 429 17.85 -3.75 12.28
N SER B 430 18.49 -4.03 13.42
CA SER B 430 19.33 -3.05 14.13
C SER B 430 20.40 -2.37 13.25
N LYS B 431 20.92 -3.09 12.26
CA LYS B 431 21.90 -2.51 11.32
C LYS B 431 21.31 -1.41 10.41
N ASN B 432 19.99 -1.40 10.20
CA ASN B 432 19.33 -0.29 9.50
C ASN B 432 19.34 1.00 10.35
N GLY B 433 20.33 1.86 10.09
CA GLY B 433 20.51 3.11 10.80
C GLY B 433 19.29 4.00 10.90
N LEU B 434 18.54 4.11 9.80
CA LEU B 434 17.40 5.04 9.73
C LEU B 434 16.28 4.61 10.65
N LEU B 435 16.00 3.31 10.70
CA LEU B 435 14.96 2.77 11.57
C LEU B 435 15.26 3.10 13.03
N MET B 436 16.53 3.02 13.41
CA MET B 436 16.95 3.34 14.78
C MET B 436 16.67 4.82 15.10
N GLU B 437 16.99 5.72 14.18
CA GLU B 437 16.78 7.16 14.39
C GLU B 437 15.30 7.50 14.52
N ILE B 438 14.48 6.93 13.63
CA ILE B 438 13.03 7.06 13.75
C ILE B 438 12.61 6.57 15.14
N GLN B 439 13.19 5.47 15.59
CA GLN B 439 12.86 4.91 16.90
C GLN B 439 13.29 5.85 18.03
N ALA B 440 14.54 6.30 18.00
CA ALA B 440 15.04 7.26 19.00
C ALA B 440 14.18 8.51 19.04
N SER B 441 13.92 9.09 17.87
CA SER B 441 13.07 10.28 17.77
C SER B 441 11.73 10.11 18.47
N LEU B 442 11.11 8.95 18.26
CA LEU B 442 9.77 8.65 18.78
C LEU B 442 9.78 8.39 20.27
N LEU B 443 10.72 7.59 20.76
CA LEU B 443 10.79 7.29 22.17
C LEU B 443 11.40 8.44 22.97
N GLY B 444 12.13 9.34 22.30
CA GLY B 444 12.83 10.43 22.98
C GLY B 444 13.86 9.94 23.98
N VAL B 445 14.57 8.86 23.65
CA VAL B 445 15.68 8.37 24.47
C VAL B 445 16.84 7.96 23.59
N ASP B 446 18.02 7.88 24.18
CA ASP B 446 19.19 7.33 23.48
C ASP B 446 18.98 5.85 23.19
N ILE B 447 19.07 5.50 21.90
CA ILE B 447 19.07 4.12 21.45
C ILE B 447 20.50 3.64 21.29
N LEU B 448 20.87 2.62 22.06
CA LEU B 448 22.23 2.11 22.10
C LEU B 448 22.35 0.88 21.20
N VAL B 449 23.38 0.86 20.37
CA VAL B 449 23.64 -0.22 19.45
C VAL B 449 24.99 -0.79 19.84
N PRO B 450 25.04 -2.05 20.30
CA PRO B 450 26.35 -2.65 20.48
C PRO B 450 26.94 -3.01 19.12
N SER B 451 28.23 -2.78 18.98
CA SER B 451 28.97 -3.30 17.85
C SER B 451 29.17 -4.79 18.06
N MET B 452 29.36 -5.21 19.32
CA MET B 452 29.39 -6.65 19.67
C MET B 452 27.95 -7.13 19.69
N HIS B 453 27.42 -7.49 18.52
CA HIS B 453 25.97 -7.65 18.31
C HIS B 453 25.38 -9.04 18.69
N GLU B 454 26.13 -9.78 19.50
CA GLU B 454 25.85 -11.16 19.89
C GLU B 454 25.33 -11.17 21.34
N THR B 455 24.35 -10.33 21.61
CA THR B 455 23.91 -10.03 22.98
C THR B 455 23.30 -11.25 23.68
N THR B 456 22.44 -11.97 22.95
CA THR B 456 21.76 -13.16 23.44
C THR B 456 22.74 -14.19 24.03
N ALA B 457 23.80 -14.52 23.30
CA ALA B 457 24.80 -15.46 23.78
C ALA B 457 25.61 -14.88 24.94
N LEU B 458 25.81 -13.56 24.94
CA LEU B 458 26.59 -12.89 25.99
C LEU B 458 25.87 -12.90 27.33
N GLY B 459 24.57 -12.64 27.34
CA GLY B 459 23.77 -12.81 28.57
C GLY B 459 24.00 -14.11 29.32
N ALA B 460 24.09 -15.22 28.59
CA ALA B 460 24.26 -16.55 29.18
C ALA B 460 25.67 -16.74 29.69
N ALA B 461 26.63 -16.20 28.94
CA ALA B 461 28.03 -16.19 29.33
C ALA B 461 28.25 -15.34 30.59
N LEU B 462 27.56 -14.19 30.66
CA LEU B 462 27.68 -13.33 31.83
C LEU B 462 27.21 -14.06 33.08
N CYS B 463 25.98 -14.57 33.02
CA CYS B 463 25.44 -15.43 34.08
C CYS B 463 26.45 -16.48 34.55
N ALA B 464 27.08 -17.15 33.60
CA ALA B 464 28.05 -18.19 33.92
C ALA B 464 29.29 -17.64 34.61
N GLY B 465 29.86 -16.58 34.04
CA GLY B 465 31.12 -15.99 34.50
C GLY B 465 31.04 -15.32 35.86
N LEU B 466 29.91 -14.68 36.15
CA LEU B 466 29.61 -14.17 37.49
C LEU B 466 29.62 -15.30 38.52
N ALA B 467 28.77 -16.30 38.28
CA ALA B 467 28.68 -17.47 39.16
C ALA B 467 30.04 -18.08 39.40
N ALA B 468 30.87 -18.15 38.37
CA ALA B 468 32.23 -18.69 38.45
C ALA B 468 33.29 -17.67 38.90
N GLY B 469 32.95 -16.38 38.89
CA GLY B 469 33.84 -15.32 39.39
C GLY B 469 34.84 -14.76 38.39
N VAL B 470 34.55 -14.91 37.10
CA VAL B 470 35.36 -14.30 36.04
C VAL B 470 35.12 -12.79 36.06
N TRP B 471 33.88 -12.41 36.36
CA TRP B 471 33.52 -11.05 36.73
C TRP B 471 32.90 -11.12 38.14
N THR B 472 33.09 -10.06 38.92
CA THR B 472 32.71 -10.02 40.35
C THR B 472 31.34 -9.42 40.62
N SER B 473 30.85 -8.57 39.70
CA SER B 473 29.60 -7.86 39.91
C SER B 473 29.07 -7.32 38.60
N LEU B 474 27.83 -6.84 38.63
CA LEU B 474 27.19 -6.24 37.47
C LEU B 474 27.84 -4.93 37.01
N GLU B 475 28.49 -4.20 37.93
CA GLU B 475 29.13 -2.93 37.57
C GLU B 475 30.46 -3.17 36.85
N GLU B 476 31.22 -4.18 37.30
CA GLU B 476 32.41 -4.63 36.56
C GLU B 476 32.00 -5.07 35.15
N VAL B 477 30.91 -5.81 35.05
CA VAL B 477 30.39 -6.30 33.78
C VAL B 477 30.06 -5.14 32.84
N LYS B 478 29.40 -4.11 33.39
CA LYS B 478 29.15 -2.84 32.66
C LYS B 478 30.43 -2.08 32.34
N ALA B 479 31.36 -2.04 33.29
CA ALA B 479 32.62 -1.33 33.09
C ALA B 479 33.41 -1.96 31.95
N VAL B 480 33.64 -3.28 32.07
CA VAL B 480 34.39 -4.06 31.09
C VAL B 480 33.72 -4.02 29.71
N SER B 481 32.39 -3.91 29.68
CA SER B 481 31.68 -3.67 28.41
C SER B 481 31.99 -2.32 27.80
N ARG B 482 31.95 -1.27 28.62
CA ARG B 482 32.27 0.08 28.16
C ARG B 482 33.72 0.19 27.70
N ARG B 483 34.63 -0.31 28.54
CA ARG B 483 36.06 -0.27 28.28
C ARG B 483 36.44 -1.02 26.99
N GLU B 484 36.24 -2.34 27.00
CA GLU B 484 36.81 -3.23 25.98
C GLU B 484 36.00 -3.42 24.69
N ASN B 485 34.73 -2.99 24.68
CA ASN B 485 33.88 -3.10 23.48
C ASN B 485 33.13 -1.82 23.18
N SER B 486 32.77 -1.66 21.91
CA SER B 486 32.29 -0.38 21.40
C SER B 486 30.77 -0.36 21.25
N TRP B 487 30.12 0.58 21.93
CA TRP B 487 28.67 0.80 21.81
C TRP B 487 28.42 2.12 21.06
N LYS B 488 27.68 2.05 19.96
CA LYS B 488 27.27 3.23 19.19
C LYS B 488 25.91 3.75 19.69
N THR B 489 25.76 5.07 19.67
CA THR B 489 24.61 5.73 20.30
C THR B 489 23.81 6.59 19.30
N VAL B 490 22.49 6.40 19.29
CA VAL B 490 21.57 7.13 18.41
C VAL B 490 20.62 7.95 19.27
N SER B 491 20.88 9.26 19.33
CA SER B 491 20.04 10.20 20.06
C SER B 491 18.82 10.60 19.25
N PRO B 492 17.76 11.07 19.93
CA PRO B 492 16.62 11.57 19.18
C PRO B 492 17.01 12.76 18.29
N SER B 493 16.38 12.82 17.12
CA SER B 493 16.42 14.00 16.26
C SER B 493 15.04 14.04 15.65
N GLY B 494 14.35 15.14 15.88
CA GLY B 494 12.93 15.21 15.60
C GLY B 494 12.32 16.18 16.57
N SER B 495 11.03 16.37 16.43
CA SER B 495 10.34 17.45 17.08
C SER B 495 8.99 16.96 17.52
N ALA B 496 8.78 16.91 18.83
CA ALA B 496 7.46 16.71 19.44
C ALA B 496 6.26 17.01 18.54
N MET B 497 6.28 18.12 17.79
CA MET B 497 5.20 18.42 16.84
C MET B 497 5.05 17.31 15.79
N GLU B 498 6.17 16.88 15.19
CA GLU B 498 6.19 15.77 14.22
C GLU B 498 5.89 14.41 14.85
N ARG B 499 6.46 14.16 16.03
CA ARG B 499 6.18 12.95 16.79
C ARG B 499 4.67 12.78 17.02
N GLU B 500 4.03 13.80 17.55
CA GLU B 500 2.58 13.79 17.80
C GLU B 500 1.81 13.52 16.51
N ALA B 501 2.25 14.15 15.43
CA ALA B 501 1.60 13.99 14.12
C ALA B 501 1.73 12.55 13.59
N MET B 502 2.95 12.03 13.59
CA MET B 502 3.23 10.67 13.13
C MET B 502 2.36 9.62 13.88
N ILE B 503 2.21 9.84 15.19
CA ILE B 503 1.38 9.01 16.09
C ILE B 503 -0.15 9.22 15.90
N ALA B 504 -0.58 10.43 15.58
CA ALA B 504 -1.99 10.70 15.26
C ALA B 504 -2.40 10.00 13.95
N GLU B 505 -1.53 10.08 12.94
CA GLU B 505 -1.77 9.38 11.67
C GLU B 505 -1.84 7.87 11.86
N TRP B 506 -0.88 7.37 12.64
CA TRP B 506 -0.77 5.95 12.97
C TRP B 506 -2.03 5.44 13.64
N ARG B 507 -2.43 6.06 14.74
CA ARG B 507 -3.63 5.65 15.48
C ARG B 507 -4.92 5.77 14.67
N GLU B 508 -5.02 6.77 13.79
CA GLU B 508 -6.13 6.80 12.82
C GLU B 508 -6.08 5.62 11.84
N ALA B 509 -4.87 5.29 11.38
CA ALA B 509 -4.68 4.16 10.46
C ALA B 509 -5.14 2.83 11.05
N LEU B 510 -4.89 2.62 12.34
CA LEU B 510 -5.28 1.37 13.01
C LEU B 510 -6.79 1.13 12.89
N LYS B 511 -7.61 2.14 13.16
CA LYS B 511 -9.06 2.07 12.89
C LYS B 511 -9.45 1.41 11.55
N ARG B 512 -8.61 1.54 10.53
CA ARG B 512 -8.88 1.02 9.17
C ARG B 512 -8.27 -0.36 8.83
N THR B 513 -7.52 -0.96 9.76
CA THR B 513 -6.87 -2.24 9.51
C THR B 513 -7.77 -3.50 9.61
N LYS B 514 -8.90 -3.37 10.31
CA LYS B 514 -9.77 -4.51 10.63
C LYS B 514 -10.37 -5.03 9.33
N TRP B 515 -10.30 -6.35 9.11
CA TRP B 515 -10.66 -6.91 7.79
C TRP B 515 -11.00 -8.41 7.70
N ALA B 516 -10.23 -9.29 8.36
CA ALA B 516 -10.34 -10.74 8.12
C ALA B 516 -11.65 -11.36 8.61
N LYS B 517 -11.91 -12.59 8.14
CA LYS B 517 -13.20 -13.28 8.30
C LYS B 517 -14.28 -12.59 7.45
P1 POP C . -5.62 12.91 -28.00
O1 POP C . -6.81 13.24 -27.15
O2 POP C . -5.70 11.48 -28.54
O3 POP C . -5.32 13.95 -29.07
O POP C . -4.32 12.89 -26.99
P2 POP C . -3.95 13.77 -25.65
O4 POP C . -5.21 13.86 -24.81
O5 POP C . -2.86 12.95 -25.00
O6 POP C . -3.44 15.10 -26.18
C1 GOL D . -11.48 16.65 -22.05
O1 GOL D . -10.72 15.45 -22.20
C2 GOL D . -12.33 16.47 -20.83
O2 GOL D . -11.46 16.23 -19.73
C3 GOL D . -13.10 17.71 -20.53
O3 GOL D . -13.92 17.48 -19.38
C1 GOL E . 12.31 -17.52 21.55
O1 GOL E . 13.08 -16.83 20.55
C2 GOL E . 11.00 -16.79 21.68
O2 GOL E . 10.29 -16.94 20.44
C3 GOL E . 10.17 -17.42 22.76
O3 GOL E . 9.00 -16.63 22.89
#